data_1AG3
# 
_entry.id   1AG3 
# 
_audit_conform.dict_name       mmcif_pdbx.dic 
_audit_conform.dict_version    5.392 
_audit_conform.dict_location   http://mmcif.pdb.org/dictionaries/ascii/mmcif_pdbx.dic 
# 
loop_
_database_2.database_id 
_database_2.database_code 
_database_2.pdbx_database_accession 
_database_2.pdbx_DOI 
PDB   1AG3         pdb_00001ag3 10.2210/pdb1ag3/pdb 
WWPDB D_1000170772 ?            ?                   
# 
loop_
_pdbx_audit_revision_history.ordinal 
_pdbx_audit_revision_history.data_content_type 
_pdbx_audit_revision_history.major_revision 
_pdbx_audit_revision_history.minor_revision 
_pdbx_audit_revision_history.revision_date 
1 'Structure model' 1 0 1997-07-07 
2 'Structure model' 1 1 2008-03-03 
3 'Structure model' 1 2 2011-07-13 
4 'Structure model' 2 0 2022-02-16 
5 'Structure model' 2 1 2024-05-22 
# 
_pdbx_audit_revision_details.ordinal             1 
_pdbx_audit_revision_details.revision_ordinal    1 
_pdbx_audit_revision_details.data_content_type   'Structure model' 
_pdbx_audit_revision_details.provider            repository 
_pdbx_audit_revision_details.type                'Initial release' 
_pdbx_audit_revision_details.description         ? 
_pdbx_audit_revision_details.details             ? 
# 
loop_
_pdbx_audit_revision_group.ordinal 
_pdbx_audit_revision_group.revision_ordinal 
_pdbx_audit_revision_group.data_content_type 
_pdbx_audit_revision_group.group 
1 2 'Structure model' 'Version format compliance' 
2 3 'Structure model' 'Version format compliance' 
3 4 'Structure model' 'Data collection'           
4 4 'Structure model' 'Database references'       
5 4 'Structure model' 'Derived calculations'      
6 4 'Structure model' Other                       
7 4 'Structure model' 'Polymer sequence'          
8 5 'Structure model' 'Data collection'           
# 
loop_
_pdbx_audit_revision_category.ordinal 
_pdbx_audit_revision_category.revision_ordinal 
_pdbx_audit_revision_category.data_content_type 
_pdbx_audit_revision_category.category 
1 4 'Structure model' database_2            
2 4 'Structure model' entity_poly           
3 4 'Structure model' pdbx_database_status  
4 4 'Structure model' pdbx_nmr_software     
5 4 'Structure model' pdbx_struct_assembly  
6 4 'Structure model' pdbx_struct_oper_list 
7 4 'Structure model' struct_conn           
8 5 'Structure model' chem_comp_atom        
9 5 'Structure model' chem_comp_bond        
# 
loop_
_pdbx_audit_revision_item.ordinal 
_pdbx_audit_revision_item.revision_ordinal 
_pdbx_audit_revision_item.data_content_type 
_pdbx_audit_revision_item.item 
1  4 'Structure model' '_database_2.pdbx_DOI'                      
2  4 'Structure model' '_database_2.pdbx_database_accession'       
3  4 'Structure model' '_entity_poly.pdbx_seq_one_letter_code'     
4  4 'Structure model' '_entity_poly.pdbx_seq_one_letter_code_can' 
5  4 'Structure model' '_pdbx_database_status.process_site'        
6  4 'Structure model' '_pdbx_nmr_software.name'                   
7  4 'Structure model' '_struct_conn.pdbx_leaving_atom_flag'       
8  4 'Structure model' '_struct_conn.ptnr1_auth_comp_id'           
9  4 'Structure model' '_struct_conn.ptnr1_auth_seq_id'            
10 4 'Structure model' '_struct_conn.ptnr1_label_atom_id'          
11 4 'Structure model' '_struct_conn.ptnr1_label_comp_id'          
12 4 'Structure model' '_struct_conn.ptnr1_label_seq_id'           
13 4 'Structure model' '_struct_conn.ptnr2_auth_comp_id'           
14 4 'Structure model' '_struct_conn.ptnr2_auth_seq_id'            
15 4 'Structure model' '_struct_conn.ptnr2_label_atom_id'          
16 4 'Structure model' '_struct_conn.ptnr2_label_comp_id'          
17 4 'Structure model' '_struct_conn.ptnr2_label_seq_id'           
# 
_pdbx_database_status.status_code                     REL 
_pdbx_database_status.entry_id                        1AG3 
_pdbx_database_status.recvd_initial_deposition_date   1997-03-31 
_pdbx_database_status.deposit_site                    ? 
_pdbx_database_status.process_site                    BNL 
_pdbx_database_status.SG_entry                        . 
_pdbx_database_status.pdb_format_compatible           Y 
_pdbx_database_status.status_code_mr                  ? 
_pdbx_database_status.status_code_sf                  ? 
_pdbx_database_status.status_code_cs                  ? 
_pdbx_database_status.status_code_nmr_data            ? 
_pdbx_database_status.methods_development_category    ? 
# 
loop_
_audit_author.name 
_audit_author.pdbx_ordinal 
'Weisenseel, J.P.' 1 
'Stone, M.P.'      2 
# 
loop_
_citation.id 
_citation.title 
_citation.journal_abbrev 
_citation.journal_volume 
_citation.page_first 
_citation.page_last 
_citation.year 
_citation.journal_id_ASTM 
_citation.country 
_citation.journal_id_ISSN 
_citation.journal_id_CSD 
_citation.book_publisher 
_citation.pdbx_database_id_PubMed 
_citation.pdbx_database_id_DOI 
primary 
;Structure of a duplex oligodeoxynucleotide containing propanodeoxyguanosine opposite a two-base deletion in the (CpG)3 frame shift hotspot of Salmonella typhimurium hisD3052 determined by 1H NMR and restrained molecular dynamics.
;
Biochemistry      34 50  64 1995 BICHAW US 0006-2960 0033 ? 7819223 10.1021/bi00001a007 
1       
;1H NMR Characterization of a Duplex Oligodeoxynucleotide Containing Propanodeoxyguanosine Opposite a Two-Base Deletion in the (Cpg)3 Frameshift Hotspot of Salmonella Typhimurium Hisd3052
;
Chem.Res.Toxicol. 7  319 ?  1994 CRTOEC US 0893-228X 2140 ? ?       ?                   
# 
loop_
_citation_author.citation_id 
_citation_author.name 
_citation_author.ordinal 
_citation_author.identifier_ORCID 
primary 'Weisenseel, J.P.' 1 ? 
primary 'Moe, J.G.'        2 ? 
primary 'Reddy, G.R.'      3 ? 
primary 'Marnett, L.J.'    4 ? 
primary 'Stone, M.P.'      5 ? 
1       'Moe, J.G.'        6 ? 
1       'Reddy, G.R.'      7 ? 
1       'Marnett, L.J.'    8 ? 
1       'Stone, M.P.'      9 ? 
# 
loop_
_entity.id 
_entity.type 
_entity.src_method 
_entity.pdbx_description 
_entity.formula_weight 
_entity.pdbx_number_of_molecules 
_entity.pdbx_ec 
_entity.pdbx_mutation 
_entity.pdbx_fragment 
_entity.details 
1 polymer syn 
;DNA (5'-D(*AP*TP*CP*GP*CP*PP*CP*GP*GP*CP*AP*TP*G)-3')
;
4032.662 1 ? ? ? 'DUPLEX OLIGODEOXYNUCLEOTIDE CONTAINING PROPANODEOXYGUANOSINE OPPOSITE A TWO-BASE DELETION' 
2 polymer syn 
;DNA (5'-D(*CP*AP*TP*GP*CP*CP*GP*CP*GP*AP*T)-3')
;
3334.186 1 ? ? ? 'DUPLEX OLIGODEOXYNUCLEOTIDE CONTAINING PROPANODEOXYGUANOSINE OPPOSITE A TWO-BASE DELETION' 
# 
loop_
_entity_poly.entity_id 
_entity_poly.type 
_entity_poly.nstd_linkage 
_entity_poly.nstd_monomer 
_entity_poly.pdbx_seq_one_letter_code 
_entity_poly.pdbx_seq_one_letter_code_can 
_entity_poly.pdbx_strand_id 
_entity_poly.pdbx_target_identifier 
1 polydeoxyribonucleotide no yes '(DA)(DT)(DC)(DG)(DC)(P)(DC)(DG)(DG)(DC)(DA)(DT)(DG)' ATCGCGCGGCATG A ? 
2 polydeoxyribonucleotide no no  '(DC)(DA)(DT)(DG)(DC)(DC)(DG)(DC)(DG)(DA)(DT)'        CATGCCGCGAT   B ? 
# 
loop_
_entity_poly_seq.entity_id 
_entity_poly_seq.num 
_entity_poly_seq.mon_id 
_entity_poly_seq.hetero 
1 1  DA n 
1 2  DT n 
1 3  DC n 
1 4  DG n 
1 5  DC n 
1 6  P  n 
1 7  DC n 
1 8  DG n 
1 9  DG n 
1 10 DC n 
1 11 DA n 
1 12 DT n 
1 13 DG n 
2 1  DC n 
2 2  DA n 
2 3  DT n 
2 4  DG n 
2 5  DC n 
2 6  DC n 
2 7  DG n 
2 8  DC n 
2 9  DG n 
2 10 DA n 
2 11 DT n 
# 
loop_
_chem_comp.id 
_chem_comp.type 
_chem_comp.mon_nstd_flag 
_chem_comp.name 
_chem_comp.pdbx_synonyms 
_chem_comp.formula 
_chem_comp.formula_weight 
DA 'DNA linking' y "2'-DEOXYADENOSINE-5'-MONOPHOSPHATE"             ? 'C10 H14 N5 O6 P' 331.222 
DC 'DNA linking' y "2'-DEOXYCYTIDINE-5'-MONOPHOSPHATE"              ? 'C9 H14 N3 O7 P'  307.197 
DG 'DNA linking' y "2'-DEOXYGUANOSINE-5'-MONOPHOSPHATE"             ? 'C10 H14 N5 O7 P' 347.221 
DT 'DNA linking' y "THYMIDINE-5'-MONOPHOSPHATE"                     ? 'C10 H15 N2 O8 P' 322.208 
P  'DNA linking' n 
;2'-DEOXY-N1,N2-PROPANO GUANOSINE MONOPHOSPHATE
;
? 'C13 H18 N5 O7 P' 387.285 
# 
loop_
_pdbx_poly_seq_scheme.asym_id 
_pdbx_poly_seq_scheme.entity_id 
_pdbx_poly_seq_scheme.seq_id 
_pdbx_poly_seq_scheme.mon_id 
_pdbx_poly_seq_scheme.ndb_seq_num 
_pdbx_poly_seq_scheme.pdb_seq_num 
_pdbx_poly_seq_scheme.auth_seq_num 
_pdbx_poly_seq_scheme.pdb_mon_id 
_pdbx_poly_seq_scheme.auth_mon_id 
_pdbx_poly_seq_scheme.pdb_strand_id 
_pdbx_poly_seq_scheme.pdb_ins_code 
_pdbx_poly_seq_scheme.hetero 
A 1 1  DA 1  -2 -2 DA A A . n 
A 1 2  DT 2  -1 -1 DT T A . n 
A 1 3  DC 3  1  1  DC C A . n 
A 1 4  DG 4  2  2  DG G A . n 
A 1 5  DC 5  3  3  DC C A . n 
A 1 6  P  6  4  4  P  P A . n 
A 1 7  DC 7  5  5  DC C A . n 
A 1 8  DG 8  6  6  DG G A . n 
A 1 9  DG 9  7  7  DG G A . n 
A 1 10 DC 10 8  8  DC C A . n 
A 1 11 DA 11 9  9  DA A A . n 
A 1 12 DT 12 10 10 DT T A . n 
A 1 13 DG 13 11 11 DG G A . n 
B 2 1  DC 1  12 12 DC C B . n 
B 2 2  DA 2  13 13 DA A B . n 
B 2 3  DT 3  14 14 DT T B . n 
B 2 4  DG 4  15 15 DG G B . n 
B 2 5  DC 5  16 16 DC C B . n 
B 2 6  DC 6  17 17 DC C B . n 
B 2 7  DG 7  18 18 DG G B . n 
B 2 8  DC 8  19 19 DC C B . n 
B 2 9  DG 9  20 20 DG G B . n 
B 2 10 DA 10 21 21 DA A B . n 
B 2 11 DT 11 22 22 DT T B . n 
# 
loop_
_software.name 
_software.classification 
_software.version 
_software.citation_id 
_software.pdbx_ordinal 
X-PLOR 'model building' 3.1 ? 1 
X-PLOR refinement       3.1 ? 2 
X-PLOR phasing          3.1 ? 3 
# 
_cell.entry_id           1AG3 
_cell.length_a           1.000 
_cell.length_b           1.000 
_cell.length_c           1.000 
_cell.angle_alpha        90.00 
_cell.angle_beta         90.00 
_cell.angle_gamma        90.00 
_cell.Z_PDB              1 
_cell.pdbx_unique_axis   ? 
# 
_symmetry.entry_id                         1AG3 
_symmetry.space_group_name_H-M             'P 1' 
_symmetry.pdbx_full_space_group_name_H-M   ? 
_symmetry.cell_setting                     ? 
_symmetry.Int_Tables_number                1 
# 
_exptl.entry_id          1AG3 
_exptl.method            'SOLUTION NMR' 
_exptl.crystals_number   ? 
# 
_struct.entry_id                  1AG3 
_struct.title                     
'DUPLEX OLIGODEOXYNUCLEOTIDE CONTAINING PROPANODEOXYGUANOSINE OPPOSITE A TWO-BASE DELETION, NMR, MINIMIZED AVERAGE STRUCTURE' 
_struct.pdbx_model_details        ? 
_struct.pdbx_CASP_flag            ? 
_struct.pdbx_model_type_details   ? 
# 
_struct_keywords.entry_id        1AG3 
_struct_keywords.pdbx_keywords   DNA 
_struct_keywords.text            
;DNA ADDUCTS, DNA CONFORMATION, NMR SPECTROSCOPY, STRUCTURAL REFINEMENT, PROPANODEOXYGUANOSINE, SALMONELLA TYPHIMURIUM HISD3052, DEOXYRIBONUCLEIC ACID, DNA
;
# 
loop_
_struct_asym.id 
_struct_asym.pdbx_blank_PDB_chainid_flag 
_struct_asym.pdbx_modified 
_struct_asym.entity_id 
_struct_asym.details 
A N N 1 ? 
B N N 2 ? 
# 
loop_
_struct_ref.id 
_struct_ref.entity_id 
_struct_ref.db_name 
_struct_ref.db_code 
_struct_ref.pdbx_db_accession 
_struct_ref.pdbx_db_isoform 
_struct_ref.pdbx_seq_one_letter_code 
_struct_ref.pdbx_align_begin 
1 1 PDB 1AG3 1AG3 ? ? ? 
2 2 PDB 1AG3 1AG3 ? ? ? 
# 
loop_
_struct_ref_seq.align_id 
_struct_ref_seq.ref_id 
_struct_ref_seq.pdbx_PDB_id_code 
_struct_ref_seq.pdbx_strand_id 
_struct_ref_seq.seq_align_beg 
_struct_ref_seq.pdbx_seq_align_beg_ins_code 
_struct_ref_seq.seq_align_end 
_struct_ref_seq.pdbx_seq_align_end_ins_code 
_struct_ref_seq.pdbx_db_accession 
_struct_ref_seq.db_align_beg 
_struct_ref_seq.pdbx_db_align_beg_ins_code 
_struct_ref_seq.db_align_end 
_struct_ref_seq.pdbx_db_align_end_ins_code 
_struct_ref_seq.pdbx_auth_seq_align_beg 
_struct_ref_seq.pdbx_auth_seq_align_end 
1 1 1AG3 A 1 ? 13 ? 1AG3 -2 ? 11 ? -2 11 
2 2 1AG3 B 1 ? 11 ? 1AG3 12 ? 22 ? 12 22 
# 
_pdbx_struct_assembly.id                   1 
_pdbx_struct_assembly.details              author_defined_assembly 
_pdbx_struct_assembly.method_details       ? 
_pdbx_struct_assembly.oligomeric_details   dimeric 
_pdbx_struct_assembly.oligomeric_count     2 
# 
_pdbx_struct_assembly_gen.assembly_id       1 
_pdbx_struct_assembly_gen.oper_expression   1 
_pdbx_struct_assembly_gen.asym_id_list      A,B 
# 
_pdbx_struct_oper_list.id                   1 
_pdbx_struct_oper_list.type                 'identity operation' 
_pdbx_struct_oper_list.name                 1_555 
_pdbx_struct_oper_list.symmetry_operation   x,y,z 
_pdbx_struct_oper_list.matrix[1][1]         1.0000000000 
_pdbx_struct_oper_list.matrix[1][2]         0.0000000000 
_pdbx_struct_oper_list.matrix[1][3]         0.0000000000 
_pdbx_struct_oper_list.vector[1]            0.0000000000 
_pdbx_struct_oper_list.matrix[2][1]         0.0000000000 
_pdbx_struct_oper_list.matrix[2][2]         1.0000000000 
_pdbx_struct_oper_list.matrix[2][3]         0.0000000000 
_pdbx_struct_oper_list.vector[2]            0.0000000000 
_pdbx_struct_oper_list.matrix[3][1]         0.0000000000 
_pdbx_struct_oper_list.matrix[3][2]         0.0000000000 
_pdbx_struct_oper_list.matrix[3][3]         1.0000000000 
_pdbx_struct_oper_list.vector[3]            0.0000000000 
# 
_struct_biol.id   1 
# 
loop_
_struct_conn.id 
_struct_conn.conn_type_id 
_struct_conn.pdbx_leaving_atom_flag 
_struct_conn.pdbx_PDB_id 
_struct_conn.ptnr1_label_asym_id 
_struct_conn.ptnr1_label_comp_id 
_struct_conn.ptnr1_label_seq_id 
_struct_conn.ptnr1_label_atom_id 
_struct_conn.pdbx_ptnr1_label_alt_id 
_struct_conn.pdbx_ptnr1_PDB_ins_code 
_struct_conn.pdbx_ptnr1_standard_comp_id 
_struct_conn.ptnr1_symmetry 
_struct_conn.ptnr2_label_asym_id 
_struct_conn.ptnr2_label_comp_id 
_struct_conn.ptnr2_label_seq_id 
_struct_conn.ptnr2_label_atom_id 
_struct_conn.pdbx_ptnr2_label_alt_id 
_struct_conn.pdbx_ptnr2_PDB_ins_code 
_struct_conn.ptnr1_auth_asym_id 
_struct_conn.ptnr1_auth_comp_id 
_struct_conn.ptnr1_auth_seq_id 
_struct_conn.ptnr2_auth_asym_id 
_struct_conn.ptnr2_auth_comp_id 
_struct_conn.ptnr2_auth_seq_id 
_struct_conn.ptnr2_symmetry 
_struct_conn.pdbx_ptnr3_label_atom_id 
_struct_conn.pdbx_ptnr3_label_seq_id 
_struct_conn.pdbx_ptnr3_label_comp_id 
_struct_conn.pdbx_ptnr3_label_asym_id 
_struct_conn.pdbx_ptnr3_label_alt_id 
_struct_conn.pdbx_ptnr3_PDB_ins_code 
_struct_conn.details 
_struct_conn.pdbx_dist_value 
_struct_conn.pdbx_value_order 
_struct_conn.pdbx_role 
covale1  covale both ? A DC 5  "O3'" ? ? ? 1_555 A P  6  P  ? ? A DC 3  A P  4  1_555 ? ? ? ? ? ? ?            1.614 ? ? 
covale2  covale both ? A P  6  "O3'" ? ? ? 1_555 A DC 7  P  ? ? A P  4  A DC 5  1_555 ? ? ? ? ? ? ?            1.611 ? ? 
hydrog1  hydrog ?    ? A DA 1  N1    ? ? ? 1_555 B DT 11 N3 ? ? A DA -2 B DT 22 1_555 ? ? ? ? ? ? WATSON-CRICK ?     ? ? 
hydrog2  hydrog ?    ? A DA 1  N6    ? ? ? 1_555 B DT 11 O4 ? ? A DA -2 B DT 22 1_555 ? ? ? ? ? ? WATSON-CRICK ?     ? ? 
hydrog3  hydrog ?    ? A DT 2  N3    ? ? ? 1_555 B DA 10 N1 ? ? A DT -1 B DA 21 1_555 ? ? ? ? ? ? WATSON-CRICK ?     ? ? 
hydrog4  hydrog ?    ? A DT 2  O4    ? ? ? 1_555 B DA 10 N6 ? ? A DT -1 B DA 21 1_555 ? ? ? ? ? ? WATSON-CRICK ?     ? ? 
hydrog5  hydrog ?    ? A DC 3  N3    ? ? ? 1_555 B DG 9  N1 ? ? A DC 1  B DG 20 1_555 ? ? ? ? ? ? WATSON-CRICK ?     ? ? 
hydrog6  hydrog ?    ? A DC 3  N4    ? ? ? 1_555 B DG 9  O6 ? ? A DC 1  B DG 20 1_555 ? ? ? ? ? ? WATSON-CRICK ?     ? ? 
hydrog7  hydrog ?    ? A DC 3  O2    ? ? ? 1_555 B DG 9  N2 ? ? A DC 1  B DG 20 1_555 ? ? ? ? ? ? WATSON-CRICK ?     ? ? 
hydrog8  hydrog ?    ? A DG 4  N1    ? ? ? 1_555 B DC 8  N3 ? ? A DG 2  B DC 19 1_555 ? ? ? ? ? ? WATSON-CRICK ?     ? ? 
hydrog9  hydrog ?    ? A DG 4  N2    ? ? ? 1_555 B DC 8  O2 ? ? A DG 2  B DC 19 1_555 ? ? ? ? ? ? WATSON-CRICK ?     ? ? 
hydrog10 hydrog ?    ? A DG 4  O6    ? ? ? 1_555 B DC 8  N4 ? ? A DG 2  B DC 19 1_555 ? ? ? ? ? ? WATSON-CRICK ?     ? ? 
hydrog11 hydrog ?    ? A DC 5  N3    ? ? ? 1_555 B DG 7  N1 ? ? A DC 3  B DG 18 1_555 ? ? ? ? ? ? WATSON-CRICK ?     ? ? 
hydrog12 hydrog ?    ? A DC 5  N4    ? ? ? 1_555 B DG 7  O6 ? ? A DC 3  B DG 18 1_555 ? ? ? ? ? ? WATSON-CRICK ?     ? ? 
hydrog13 hydrog ?    ? A DC 5  O2    ? ? ? 1_555 B DG 7  N2 ? ? A DC 3  B DG 18 1_555 ? ? ? ? ? ? WATSON-CRICK ?     ? ? 
hydrog14 hydrog ?    ? A DG 8  N1    ? ? ? 1_555 B DC 6  N3 ? ? A DG 6  B DC 17 1_555 ? ? ? ? ? ? WATSON-CRICK ?     ? ? 
hydrog15 hydrog ?    ? A DG 8  N2    ? ? ? 1_555 B DC 6  O2 ? ? A DG 6  B DC 17 1_555 ? ? ? ? ? ? WATSON-CRICK ?     ? ? 
hydrog16 hydrog ?    ? A DG 8  O6    ? ? ? 1_555 B DC 6  N4 ? ? A DG 6  B DC 17 1_555 ? ? ? ? ? ? WATSON-CRICK ?     ? ? 
hydrog17 hydrog ?    ? A DG 9  N1    ? ? ? 1_555 B DC 5  N3 ? ? A DG 7  B DC 16 1_555 ? ? ? ? ? ? WATSON-CRICK ?     ? ? 
hydrog18 hydrog ?    ? A DG 9  N2    ? ? ? 1_555 B DC 5  O2 ? ? A DG 7  B DC 16 1_555 ? ? ? ? ? ? WATSON-CRICK ?     ? ? 
hydrog19 hydrog ?    ? A DG 9  O6    ? ? ? 1_555 B DC 5  N4 ? ? A DG 7  B DC 16 1_555 ? ? ? ? ? ? WATSON-CRICK ?     ? ? 
hydrog20 hydrog ?    ? A DG 9  N2    ? ? ? 1_555 B DC 6  O2 ? ? A DG 7  B DC 17 1_555 ? ? ? ? ? ? 'DG-DC PAIR' ?     ? ? 
hydrog21 hydrog ?    ? A DC 10 N3    ? ? ? 1_555 B DG 4  N1 ? ? A DC 8  B DG 15 1_555 ? ? ? ? ? ? WATSON-CRICK ?     ? ? 
hydrog22 hydrog ?    ? A DC 10 N4    ? ? ? 1_555 B DG 4  O6 ? ? A DC 8  B DG 15 1_555 ? ? ? ? ? ? WATSON-CRICK ?     ? ? 
hydrog23 hydrog ?    ? A DC 10 O2    ? ? ? 1_555 B DG 4  N2 ? ? A DC 8  B DG 15 1_555 ? ? ? ? ? ? WATSON-CRICK ?     ? ? 
hydrog24 hydrog ?    ? A DA 11 N1    ? ? ? 1_555 B DT 3  N3 ? ? A DA 9  B DT 14 1_555 ? ? ? ? ? ? WATSON-CRICK ?     ? ? 
hydrog25 hydrog ?    ? A DA 11 N6    ? ? ? 1_555 B DT 3  O4 ? ? A DA 9  B DT 14 1_555 ? ? ? ? ? ? WATSON-CRICK ?     ? ? 
hydrog26 hydrog ?    ? A DT 12 N3    ? ? ? 1_555 B DA 2  N1 ? ? A DT 10 B DA 13 1_555 ? ? ? ? ? ? WATSON-CRICK ?     ? ? 
hydrog27 hydrog ?    ? A DT 12 O4    ? ? ? 1_555 B DA 2  N6 ? ? A DT 10 B DA 13 1_555 ? ? ? ? ? ? WATSON-CRICK ?     ? ? 
hydrog28 hydrog ?    ? A DG 13 N1    ? ? ? 1_555 B DC 1  N3 ? ? A DG 11 B DC 12 1_555 ? ? ? ? ? ? WATSON-CRICK ?     ? ? 
hydrog29 hydrog ?    ? A DG 13 N2    ? ? ? 1_555 B DC 1  O2 ? ? A DG 11 B DC 12 1_555 ? ? ? ? ? ? WATSON-CRICK ?     ? ? 
hydrog30 hydrog ?    ? A DG 13 O6    ? ? ? 1_555 B DC 1  N4 ? ? A DG 11 B DC 12 1_555 ? ? ? ? ? ? WATSON-CRICK ?     ? ? 
# 
loop_
_struct_conn_type.id 
_struct_conn_type.criteria 
_struct_conn_type.reference 
covale ? ? 
hydrog ? ? 
# 
loop_
_pdbx_validate_rmsd_angle.id 
_pdbx_validate_rmsd_angle.PDB_model_num 
_pdbx_validate_rmsd_angle.auth_atom_id_1 
_pdbx_validate_rmsd_angle.auth_asym_id_1 
_pdbx_validate_rmsd_angle.auth_comp_id_1 
_pdbx_validate_rmsd_angle.auth_seq_id_1 
_pdbx_validate_rmsd_angle.PDB_ins_code_1 
_pdbx_validate_rmsd_angle.label_alt_id_1 
_pdbx_validate_rmsd_angle.auth_atom_id_2 
_pdbx_validate_rmsd_angle.auth_asym_id_2 
_pdbx_validate_rmsd_angle.auth_comp_id_2 
_pdbx_validate_rmsd_angle.auth_seq_id_2 
_pdbx_validate_rmsd_angle.PDB_ins_code_2 
_pdbx_validate_rmsd_angle.label_alt_id_2 
_pdbx_validate_rmsd_angle.auth_atom_id_3 
_pdbx_validate_rmsd_angle.auth_asym_id_3 
_pdbx_validate_rmsd_angle.auth_comp_id_3 
_pdbx_validate_rmsd_angle.auth_seq_id_3 
_pdbx_validate_rmsd_angle.PDB_ins_code_3 
_pdbx_validate_rmsd_angle.label_alt_id_3 
_pdbx_validate_rmsd_angle.angle_value 
_pdbx_validate_rmsd_angle.angle_target_value 
_pdbx_validate_rmsd_angle.angle_deviation 
_pdbx_validate_rmsd_angle.angle_standard_deviation 
_pdbx_validate_rmsd_angle.linker_flag 
1  1 "O4'" A DA -2 ? ? "C1'" A DA -2 ? ? N9 A DA -2 ? ? 110.98 108.30 2.68  0.30 N 
2  1 N7    A DA -2 ? ? C8    A DA -2 ? ? N9 A DA -2 ? ? 117.53 113.80 3.73  0.50 N 
3  1 "O4'" A DT -1 ? ? "C1'" A DT -1 ? ? N1 A DT -1 ? ? 111.19 108.30 2.89  0.30 N 
4  1 "O4'" A DC 1  ? ? "C1'" A DC 1  ? ? N1 A DC 1  ? ? 110.71 108.30 2.41  0.30 N 
5  1 "O4'" A DG 2  ? ? "C1'" A DG 2  ? ? N9 A DG 2  ? ? 110.84 108.30 2.54  0.30 N 
6  1 N7    A DG 2  ? ? C8    A DG 2  ? ? N9 A DG 2  ? ? 117.74 113.10 4.64  0.50 N 
7  1 C8    A DG 2  ? ? N9    A DG 2  ? ? C4 A DG 2  ? ? 103.78 106.40 -2.62 0.40 N 
8  1 "O4'" A DC 3  ? ? "C1'" A DC 3  ? ? N1 A DC 3  ? ? 110.53 108.30 2.23  0.30 N 
9  1 "O4'" A DC 5  ? ? "C1'" A DC 5  ? ? N1 A DC 5  ? ? 110.66 108.30 2.36  0.30 N 
10 1 "O4'" A DG 6  ? ? "C1'" A DG 6  ? ? N9 A DG 6  ? ? 111.17 108.30 2.87  0.30 N 
11 1 N7    A DG 6  ? ? C8    A DG 6  ? ? N9 A DG 6  ? ? 117.51 113.10 4.41  0.50 N 
12 1 C8    A DG 6  ? ? N9    A DG 6  ? ? C4 A DG 6  ? ? 103.71 106.40 -2.69 0.40 N 
13 1 "O4'" A DG 7  ? ? "C1'" A DG 7  ? ? N9 A DG 7  ? ? 111.27 108.30 2.97  0.30 N 
14 1 N7    A DG 7  ? ? C8    A DG 7  ? ? N9 A DG 7  ? ? 117.63 113.10 4.53  0.50 N 
15 1 C8    A DG 7  ? ? N9    A DG 7  ? ? C4 A DG 7  ? ? 103.75 106.40 -2.65 0.40 N 
16 1 "O4'" A DC 8  ? ? "C1'" A DC 8  ? ? N1 A DC 8  ? ? 111.48 108.30 3.18  0.30 N 
17 1 "O4'" A DA 9  ? ? "C1'" A DA 9  ? ? N9 A DA 9  ? ? 110.81 108.30 2.51  0.30 N 
18 1 N7    A DA 9  ? ? C8    A DA 9  ? ? N9 A DA 9  ? ? 117.65 113.80 3.85  0.50 N 
19 1 "O4'" A DT 10 ? ? "C1'" A DT 10 ? ? N1 A DT 10 ? ? 111.02 108.30 2.72  0.30 N 
20 1 "O4'" A DG 11 ? ? "C1'" A DG 11 ? ? N9 A DG 11 ? ? 110.53 108.30 2.23  0.30 N 
21 1 N7    A DG 11 ? ? C8    A DG 11 ? ? N9 A DG 11 ? ? 117.67 113.10 4.57  0.50 N 
22 1 C8    A DG 11 ? ? N9    A DG 11 ? ? C4 A DG 11 ? ? 103.64 106.40 -2.76 0.40 N 
23 1 "O4'" B DC 12 ? ? "C1'" B DC 12 ? ? N1 B DC 12 ? ? 111.10 108.30 2.80  0.30 N 
24 1 "O4'" B DA 13 ? ? "C1'" B DA 13 ? ? N9 B DA 13 ? ? 110.83 108.30 2.53  0.30 N 
25 1 N7    B DA 13 ? ? C8    B DA 13 ? ? N9 B DA 13 ? ? 117.53 113.80 3.73  0.50 N 
26 1 "O4'" B DT 14 ? ? "C1'" B DT 14 ? ? N1 B DT 14 ? ? 111.30 108.30 3.00  0.30 N 
27 1 "O4'" B DG 15 ? ? "C1'" B DG 15 ? ? N9 B DG 15 ? ? 110.96 108.30 2.66  0.30 N 
28 1 N7    B DG 15 ? ? C8    B DG 15 ? ? N9 B DG 15 ? ? 117.82 113.10 4.72  0.50 N 
29 1 C8    B DG 15 ? ? N9    B DG 15 ? ? C4 B DG 15 ? ? 103.80 106.40 -2.60 0.40 N 
30 1 "O4'" B DC 16 ? ? "C1'" B DC 16 ? ? N1 B DC 16 ? ? 111.21 108.30 2.91  0.30 N 
31 1 "O4'" B DC 17 ? ? "C1'" B DC 17 ? ? N1 B DC 17 ? ? 110.43 108.30 2.13  0.30 N 
32 1 "O4'" B DG 18 ? ? "C1'" B DG 18 ? ? N9 B DG 18 ? ? 110.61 108.30 2.31  0.30 N 
33 1 N7    B DG 18 ? ? C8    B DG 18 ? ? N9 B DG 18 ? ? 117.63 113.10 4.53  0.50 N 
34 1 C8    B DG 18 ? ? N9    B DG 18 ? ? C4 B DG 18 ? ? 103.62 106.40 -2.78 0.40 N 
35 1 "O4'" B DC 19 ? ? "C1'" B DC 19 ? ? N1 B DC 19 ? ? 110.99 108.30 2.69  0.30 N 
36 1 "O4'" B DG 20 ? ? "C1'" B DG 20 ? ? N9 B DG 20 ? ? 110.65 108.30 2.35  0.30 N 
37 1 N7    B DG 20 ? ? C8    B DG 20 ? ? N9 B DG 20 ? ? 117.58 113.10 4.48  0.50 N 
38 1 C8    B DG 20 ? ? N9    B DG 20 ? ? C4 B DG 20 ? ? 103.74 106.40 -2.66 0.40 N 
39 1 "O4'" B DA 21 ? ? "C1'" B DA 21 ? ? N9 B DA 21 ? ? 111.24 108.30 2.94  0.30 N 
40 1 N7    B DA 21 ? ? C8    B DA 21 ? ? N9 B DA 21 ? ? 117.64 113.80 3.84  0.50 N 
41 1 "O4'" B DT 22 ? ? "C1'" B DT 22 ? ? N1 B DT 22 ? ? 111.28 108.30 2.98  0.30 N 
# 
_pdbx_struct_mod_residue.id               1 
_pdbx_struct_mod_residue.label_asym_id    A 
_pdbx_struct_mod_residue.label_comp_id    P 
_pdbx_struct_mod_residue.label_seq_id     6 
_pdbx_struct_mod_residue.auth_asym_id     A 
_pdbx_struct_mod_residue.auth_comp_id     P 
_pdbx_struct_mod_residue.auth_seq_id      4 
_pdbx_struct_mod_residue.PDB_ins_code     ? 
_pdbx_struct_mod_residue.parent_comp_id   DG 
_pdbx_struct_mod_residue.details          ? 
# 
_pdbx_nmr_ensemble.entry_id                             1AG3 
_pdbx_nmr_ensemble.conformers_calculated_total_number   1 
_pdbx_nmr_ensemble.conformers_submitted_total_number    1 
_pdbx_nmr_ensemble.conformer_selection_criteria         'CROMA BEST FIT' 
# 
_pdbx_nmr_exptl_sample_conditions.conditions_id       1 
_pdbx_nmr_exptl_sample_conditions.temperature         298 
_pdbx_nmr_exptl_sample_conditions.pressure            ? 
_pdbx_nmr_exptl_sample_conditions.pH                  7.0 
_pdbx_nmr_exptl_sample_conditions.ionic_strength      ? 
_pdbx_nmr_exptl_sample_conditions.pressure_units      . 
_pdbx_nmr_exptl_sample_conditions.temperature_units   K 
# 
loop_
_pdbx_nmr_exptl.experiment_id 
_pdbx_nmr_exptl.conditions_id 
_pdbx_nmr_exptl.type 
_pdbx_nmr_exptl.solution_id 
1 1 NOESY       1 
2 1 2QF-COSY    1 
3 1 'AND TOCSY' 1 
4 1 ': NOESY'   1 
5 1 2QF-COSY    1 
6 1 ANDANO      1 
7 1 '` OPP'     1 
# 
_pdbx_nmr_refine.entry_id           1AG3 
_pdbx_nmr_refine.method             'NOE-RESTRAINED MOLECULAR DYNAMICS/SIMULATED ANNEALING' 
_pdbx_nmr_refine.details            'REFINEMENT DETAILS CAN BE FOUND IN THE JRNL CITATION ABOVE.' 
_pdbx_nmr_refine.software_ordinal   1 
# 
loop_
_pdbx_nmr_software.classification 
_pdbx_nmr_software.name 
_pdbx_nmr_software.version 
_pdbx_nmr_software.authors 
_pdbx_nmr_software.ordinal 
refinement           X-PLOR    3.1 BRUNGER 1 
'structure solution' Felix     ?   ?       2 
'structure solution' X-PLOR    ?   ?       3 
'structure solution' MARDIGRAS ?   ?       4 
'structure solution' CORMA     ?   ?       5 
# 
loop_
_chem_comp_atom.comp_id 
_chem_comp_atom.atom_id 
_chem_comp_atom.type_symbol 
_chem_comp_atom.pdbx_aromatic_flag 
_chem_comp_atom.pdbx_stereo_config 
_chem_comp_atom.pdbx_ordinal 
DA OP3    O N N 1   
DA P      P N N 2   
DA OP1    O N N 3   
DA OP2    O N N 4   
DA "O5'"  O N N 5   
DA "C5'"  C N N 6   
DA "C4'"  C N R 7   
DA "O4'"  O N N 8   
DA "C3'"  C N S 9   
DA "O3'"  O N N 10  
DA "C2'"  C N N 11  
DA "C1'"  C N R 12  
DA N9     N Y N 13  
DA C8     C Y N 14  
DA N7     N Y N 15  
DA C5     C Y N 16  
DA C6     C Y N 17  
DA N6     N N N 18  
DA N1     N Y N 19  
DA C2     C Y N 20  
DA N3     N Y N 21  
DA C4     C Y N 22  
DA HOP3   H N N 23  
DA HOP2   H N N 24  
DA "H5'"  H N N 25  
DA "H5''" H N N 26  
DA "H4'"  H N N 27  
DA "H3'"  H N N 28  
DA "HO3'" H N N 29  
DA "H2'"  H N N 30  
DA "H2''" H N N 31  
DA "H1'"  H N N 32  
DA H8     H N N 33  
DA H61    H N N 34  
DA H62    H N N 35  
DA H2     H N N 36  
DC OP3    O N N 37  
DC P      P N N 38  
DC OP1    O N N 39  
DC OP2    O N N 40  
DC "O5'"  O N N 41  
DC "C5'"  C N N 42  
DC "C4'"  C N R 43  
DC "O4'"  O N N 44  
DC "C3'"  C N S 45  
DC "O3'"  O N N 46  
DC "C2'"  C N N 47  
DC "C1'"  C N R 48  
DC N1     N N N 49  
DC C2     C N N 50  
DC O2     O N N 51  
DC N3     N N N 52  
DC C4     C N N 53  
DC N4     N N N 54  
DC C5     C N N 55  
DC C6     C N N 56  
DC HOP3   H N N 57  
DC HOP2   H N N 58  
DC "H5'"  H N N 59  
DC "H5''" H N N 60  
DC "H4'"  H N N 61  
DC "H3'"  H N N 62  
DC "HO3'" H N N 63  
DC "H2'"  H N N 64  
DC "H2''" H N N 65  
DC "H1'"  H N N 66  
DC H41    H N N 67  
DC H42    H N N 68  
DC H5     H N N 69  
DC H6     H N N 70  
DG OP3    O N N 71  
DG P      P N N 72  
DG OP1    O N N 73  
DG OP2    O N N 74  
DG "O5'"  O N N 75  
DG "C5'"  C N N 76  
DG "C4'"  C N R 77  
DG "O4'"  O N N 78  
DG "C3'"  C N S 79  
DG "O3'"  O N N 80  
DG "C2'"  C N N 81  
DG "C1'"  C N R 82  
DG N9     N Y N 83  
DG C8     C Y N 84  
DG N7     N Y N 85  
DG C5     C Y N 86  
DG C6     C N N 87  
DG O6     O N N 88  
DG N1     N N N 89  
DG C2     C N N 90  
DG N2     N N N 91  
DG N3     N N N 92  
DG C4     C Y N 93  
DG HOP3   H N N 94  
DG HOP2   H N N 95  
DG "H5'"  H N N 96  
DG "H5''" H N N 97  
DG "H4'"  H N N 98  
DG "H3'"  H N N 99  
DG "HO3'" H N N 100 
DG "H2'"  H N N 101 
DG "H2''" H N N 102 
DG "H1'"  H N N 103 
DG H8     H N N 104 
DG H1     H N N 105 
DG H21    H N N 106 
DG H22    H N N 107 
DT OP3    O N N 108 
DT P      P N N 109 
DT OP1    O N N 110 
DT OP2    O N N 111 
DT "O5'"  O N N 112 
DT "C5'"  C N N 113 
DT "C4'"  C N R 114 
DT "O4'"  O N N 115 
DT "C3'"  C N S 116 
DT "O3'"  O N N 117 
DT "C2'"  C N N 118 
DT "C1'"  C N R 119 
DT N1     N N N 120 
DT C2     C N N 121 
DT O2     O N N 122 
DT N3     N N N 123 
DT C4     C N N 124 
DT O4     O N N 125 
DT C5     C N N 126 
DT C7     C N N 127 
DT C6     C N N 128 
DT HOP3   H N N 129 
DT HOP2   H N N 130 
DT "H5'"  H N N 131 
DT "H5''" H N N 132 
DT "H4'"  H N N 133 
DT "H3'"  H N N 134 
DT "HO3'" H N N 135 
DT "H2'"  H N N 136 
DT "H2''" H N N 137 
DT "H1'"  H N N 138 
DT H3     H N N 139 
DT H71    H N N 140 
DT H72    H N N 141 
DT H73    H N N 142 
DT H6     H N N 143 
P  P      P N N 144 
P  OP1    O N N 145 
P  OP2    O N N 146 
P  OP3    O N N 147 
P  "O5'"  O N N 148 
P  "C5'"  C N N 149 
P  "C4'"  C N R 150 
P  "O4'"  O N N 151 
P  "C3'"  C N S 152 
P  "O3'"  O N N 153 
P  "C2'"  C N N 154 
P  "C1'"  C N R 155 
P  N9     N Y N 156 
P  C8     C Y N 157 
P  N7     N Y N 158 
P  C5     C Y N 159 
P  C6     C N N 160 
P  O6     O N N 161 
P  N1     N N N 162 
P  C2     C N N 163 
P  N2     N N N 164 
P  N3     N N N 165 
P  C4     C Y N 166 
P  C6A    C N N 167 
P  C7A    C N N 168 
P  C8A    C N N 169 
P  HOP2   H N N 170 
P  HOP3   H N N 171 
P  "H5'"  H N N 172 
P  "H5''" H N N 173 
P  "H4'"  H N N 174 
P  "H3'"  H N N 175 
P  "HO3'" H N N 176 
P  "H2'"  H N N 177 
P  "H2''" H N N 178 
P  "H1'"  H N N 179 
P  H8     H N N 180 
P  H2     H N N 181 
P  H6A1   H N N 182 
P  H6A2   H N N 183 
P  H7A1   H N N 184 
P  H7A2   H N N 185 
P  H8A1   H N N 186 
P  H8A2   H N N 187 
# 
loop_
_chem_comp_bond.comp_id 
_chem_comp_bond.atom_id_1 
_chem_comp_bond.atom_id_2 
_chem_comp_bond.value_order 
_chem_comp_bond.pdbx_aromatic_flag 
_chem_comp_bond.pdbx_stereo_config 
_chem_comp_bond.pdbx_ordinal 
DA OP3   P      sing N N 1   
DA OP3   HOP3   sing N N 2   
DA P     OP1    doub N N 3   
DA P     OP2    sing N N 4   
DA P     "O5'"  sing N N 5   
DA OP2   HOP2   sing N N 6   
DA "O5'" "C5'"  sing N N 7   
DA "C5'" "C4'"  sing N N 8   
DA "C5'" "H5'"  sing N N 9   
DA "C5'" "H5''" sing N N 10  
DA "C4'" "O4'"  sing N N 11  
DA "C4'" "C3'"  sing N N 12  
DA "C4'" "H4'"  sing N N 13  
DA "O4'" "C1'"  sing N N 14  
DA "C3'" "O3'"  sing N N 15  
DA "C3'" "C2'"  sing N N 16  
DA "C3'" "H3'"  sing N N 17  
DA "O3'" "HO3'" sing N N 18  
DA "C2'" "C1'"  sing N N 19  
DA "C2'" "H2'"  sing N N 20  
DA "C2'" "H2''" sing N N 21  
DA "C1'" N9     sing N N 22  
DA "C1'" "H1'"  sing N N 23  
DA N9    C8     sing Y N 24  
DA N9    C4     sing Y N 25  
DA C8    N7     doub Y N 26  
DA C8    H8     sing N N 27  
DA N7    C5     sing Y N 28  
DA C5    C6     sing Y N 29  
DA C5    C4     doub Y N 30  
DA C6    N6     sing N N 31  
DA C6    N1     doub Y N 32  
DA N6    H61    sing N N 33  
DA N6    H62    sing N N 34  
DA N1    C2     sing Y N 35  
DA C2    N3     doub Y N 36  
DA C2    H2     sing N N 37  
DA N3    C4     sing Y N 38  
DC OP3   P      sing N N 39  
DC OP3   HOP3   sing N N 40  
DC P     OP1    doub N N 41  
DC P     OP2    sing N N 42  
DC P     "O5'"  sing N N 43  
DC OP2   HOP2   sing N N 44  
DC "O5'" "C5'"  sing N N 45  
DC "C5'" "C4'"  sing N N 46  
DC "C5'" "H5'"  sing N N 47  
DC "C5'" "H5''" sing N N 48  
DC "C4'" "O4'"  sing N N 49  
DC "C4'" "C3'"  sing N N 50  
DC "C4'" "H4'"  sing N N 51  
DC "O4'" "C1'"  sing N N 52  
DC "C3'" "O3'"  sing N N 53  
DC "C3'" "C2'"  sing N N 54  
DC "C3'" "H3'"  sing N N 55  
DC "O3'" "HO3'" sing N N 56  
DC "C2'" "C1'"  sing N N 57  
DC "C2'" "H2'"  sing N N 58  
DC "C2'" "H2''" sing N N 59  
DC "C1'" N1     sing N N 60  
DC "C1'" "H1'"  sing N N 61  
DC N1    C2     sing N N 62  
DC N1    C6     sing N N 63  
DC C2    O2     doub N N 64  
DC C2    N3     sing N N 65  
DC N3    C4     doub N N 66  
DC C4    N4     sing N N 67  
DC C4    C5     sing N N 68  
DC N4    H41    sing N N 69  
DC N4    H42    sing N N 70  
DC C5    C6     doub N N 71  
DC C5    H5     sing N N 72  
DC C6    H6     sing N N 73  
DG OP3   P      sing N N 74  
DG OP3   HOP3   sing N N 75  
DG P     OP1    doub N N 76  
DG P     OP2    sing N N 77  
DG P     "O5'"  sing N N 78  
DG OP2   HOP2   sing N N 79  
DG "O5'" "C5'"  sing N N 80  
DG "C5'" "C4'"  sing N N 81  
DG "C5'" "H5'"  sing N N 82  
DG "C5'" "H5''" sing N N 83  
DG "C4'" "O4'"  sing N N 84  
DG "C4'" "C3'"  sing N N 85  
DG "C4'" "H4'"  sing N N 86  
DG "O4'" "C1'"  sing N N 87  
DG "C3'" "O3'"  sing N N 88  
DG "C3'" "C2'"  sing N N 89  
DG "C3'" "H3'"  sing N N 90  
DG "O3'" "HO3'" sing N N 91  
DG "C2'" "C1'"  sing N N 92  
DG "C2'" "H2'"  sing N N 93  
DG "C2'" "H2''" sing N N 94  
DG "C1'" N9     sing N N 95  
DG "C1'" "H1'"  sing N N 96  
DG N9    C8     sing Y N 97  
DG N9    C4     sing Y N 98  
DG C8    N7     doub Y N 99  
DG C8    H8     sing N N 100 
DG N7    C5     sing Y N 101 
DG C5    C6     sing N N 102 
DG C5    C4     doub Y N 103 
DG C6    O6     doub N N 104 
DG C6    N1     sing N N 105 
DG N1    C2     sing N N 106 
DG N1    H1     sing N N 107 
DG C2    N2     sing N N 108 
DG C2    N3     doub N N 109 
DG N2    H21    sing N N 110 
DG N2    H22    sing N N 111 
DG N3    C4     sing N N 112 
DT OP3   P      sing N N 113 
DT OP3   HOP3   sing N N 114 
DT P     OP1    doub N N 115 
DT P     OP2    sing N N 116 
DT P     "O5'"  sing N N 117 
DT OP2   HOP2   sing N N 118 
DT "O5'" "C5'"  sing N N 119 
DT "C5'" "C4'"  sing N N 120 
DT "C5'" "H5'"  sing N N 121 
DT "C5'" "H5''" sing N N 122 
DT "C4'" "O4'"  sing N N 123 
DT "C4'" "C3'"  sing N N 124 
DT "C4'" "H4'"  sing N N 125 
DT "O4'" "C1'"  sing N N 126 
DT "C3'" "O3'"  sing N N 127 
DT "C3'" "C2'"  sing N N 128 
DT "C3'" "H3'"  sing N N 129 
DT "O3'" "HO3'" sing N N 130 
DT "C2'" "C1'"  sing N N 131 
DT "C2'" "H2'"  sing N N 132 
DT "C2'" "H2''" sing N N 133 
DT "C1'" N1     sing N N 134 
DT "C1'" "H1'"  sing N N 135 
DT N1    C2     sing N N 136 
DT N1    C6     sing N N 137 
DT C2    O2     doub N N 138 
DT C2    N3     sing N N 139 
DT N3    C4     sing N N 140 
DT N3    H3     sing N N 141 
DT C4    O4     doub N N 142 
DT C4    C5     sing N N 143 
DT C5    C7     sing N N 144 
DT C5    C6     doub N N 145 
DT C7    H71    sing N N 146 
DT C7    H72    sing N N 147 
DT C7    H73    sing N N 148 
DT C6    H6     sing N N 149 
P  P     OP1    doub N N 150 
P  P     OP2    sing N N 151 
P  P     OP3    sing N N 152 
P  P     "O5'"  sing N N 153 
P  OP2   HOP2   sing N N 154 
P  OP3   HOP3   sing N N 155 
P  "O5'" "C5'"  sing N N 156 
P  "C5'" "C4'"  sing N N 157 
P  "C5'" "H5'"  sing N N 158 
P  "C5'" "H5''" sing N N 159 
P  "C4'" "O4'"  sing N N 160 
P  "C4'" "C3'"  sing N N 161 
P  "C4'" "H4'"  sing N N 162 
P  "O4'" "C1'"  sing N N 163 
P  "C3'" "O3'"  sing N N 164 
P  "C3'" "C2'"  sing N N 165 
P  "C3'" "H3'"  sing N N 166 
P  "O3'" "HO3'" sing N N 167 
P  "C2'" "C1'"  sing N N 168 
P  "C2'" "H2'"  sing N N 169 
P  "C2'" "H2''" sing N N 170 
P  "C1'" N9     sing N N 171 
P  "C1'" "H1'"  sing N N 172 
P  N9    C8     sing Y N 173 
P  N9    C4     sing Y N 174 
P  C8    N7     doub Y N 175 
P  C8    H8     sing N N 176 
P  N7    C5     sing Y N 177 
P  C5    C6     sing N N 178 
P  C5    C4     doub Y N 179 
P  C6    O6     doub N N 180 
P  C6    N1     sing N N 181 
P  N1    C2     sing N N 182 
P  N1    C8A    sing N N 183 
P  C2    N2     sing N N 184 
P  C2    N3     doub N N 185 
P  N2    C6A    sing N N 186 
P  N2    H2     sing N N 187 
P  N3    C4     sing N N 188 
P  C6A   C7A    sing N N 189 
P  C6A   H6A1   sing N N 190 
P  C6A   H6A2   sing N N 191 
P  C7A   C8A    sing N N 192 
P  C7A   H7A1   sing N N 193 
P  C7A   H7A2   sing N N 194 
P  C8A   H8A1   sing N N 195 
P  C8A   H8A2   sing N N 196 
# 
loop_
_ndb_struct_conf_na.entry_id 
_ndb_struct_conf_na.feature 
1AG3 'double helix'        
1AG3 'b-form double helix' 
1AG3 'bulge loop'          
# 
loop_
_ndb_struct_na_base_pair.model_number 
_ndb_struct_na_base_pair.i_label_asym_id 
_ndb_struct_na_base_pair.i_label_comp_id 
_ndb_struct_na_base_pair.i_label_seq_id 
_ndb_struct_na_base_pair.i_symmetry 
_ndb_struct_na_base_pair.j_label_asym_id 
_ndb_struct_na_base_pair.j_label_comp_id 
_ndb_struct_na_base_pair.j_label_seq_id 
_ndb_struct_na_base_pair.j_symmetry 
_ndb_struct_na_base_pair.shear 
_ndb_struct_na_base_pair.stretch 
_ndb_struct_na_base_pair.stagger 
_ndb_struct_na_base_pair.buckle 
_ndb_struct_na_base_pair.propeller 
_ndb_struct_na_base_pair.opening 
_ndb_struct_na_base_pair.pair_number 
_ndb_struct_na_base_pair.pair_name 
_ndb_struct_na_base_pair.i_auth_asym_id 
_ndb_struct_na_base_pair.i_auth_seq_id 
_ndb_struct_na_base_pair.i_PDB_ins_code 
_ndb_struct_na_base_pair.j_auth_asym_id 
_ndb_struct_na_base_pair.j_auth_seq_id 
_ndb_struct_na_base_pair.j_PDB_ins_code 
_ndb_struct_na_base_pair.hbond_type_28 
_ndb_struct_na_base_pair.hbond_type_12 
1 A DA 1  1_555 B DT 11 1_555 -0.045 -0.113 -0.225 -22.315 -13.197 1.291  1  A_DA-2:DT22_B A -2 ? B 22 ? 20 1 
1 A DT 2  1_555 B DA 10 1_555 -0.104 -0.133 -0.093 -3.564  -15.820 -1.771 2  A_DT-1:DA21_B A -1 ? B 21 ? 20 1 
1 A DC 3  1_555 B DG 9  1_555 0.201  -0.140 -0.020 1.185   -13.826 -0.143 3  A_DC1:DG20_B  A 1  ? B 20 ? 19 1 
1 A DG 4  1_555 B DC 8  1_555 -0.261 -0.113 0.175  6.869   -7.909  0.293  4  A_DG2:DC19_B  A 2  ? B 19 ? 19 1 
1 A DC 5  1_555 B DG 7  1_555 0.266  -0.108 -0.293 23.461  -17.691 -1.324 5  A_DC3:DG18_B  A 3  ? B 18 ? 19 1 
1 A DG 8  1_555 B DC 6  1_555 -0.348 -0.301 -1.236 -19.731 -25.835 11.187 6  A_DG6:DC17_B  A 6  ? B 17 ? 19 1 
1 A DG 9  1_555 B DC 5  1_555 -0.230 -0.099 -0.240 -13.107 -11.653 -1.021 7  A_DG7:DC16_B  A 7  ? B 16 ? 19 1 
1 A DC 10 1_555 B DG 4  1_555 0.255  -0.155 -0.128 2.584   -11.356 0.527  8  A_DC8:DG15_B  A 8  ? B 15 ? 19 1 
1 A DA 11 1_555 B DT 3  1_555 0.077  -0.142 -0.179 -1.744  -16.028 1.045  9  A_DA9:DT14_B  A 9  ? B 14 ? 20 1 
1 A DT 12 1_555 B DA 2  1_555 -0.073 -0.156 -0.260 9.155   -14.477 -0.747 10 A_DT10:DA13_B A 10 ? B 13 ? 20 1 
1 A DG 13 1_555 B DC 1  1_555 -0.225 -0.069 0.819  29.762  4.806   -2.325 11 A_DG11:DC12_B A 11 ? B 12 ? 19 1 
# 
loop_
_ndb_struct_na_base_pair_step.model_number 
_ndb_struct_na_base_pair_step.i_label_asym_id_1 
_ndb_struct_na_base_pair_step.i_label_comp_id_1 
_ndb_struct_na_base_pair_step.i_label_seq_id_1 
_ndb_struct_na_base_pair_step.i_symmetry_1 
_ndb_struct_na_base_pair_step.j_label_asym_id_1 
_ndb_struct_na_base_pair_step.j_label_comp_id_1 
_ndb_struct_na_base_pair_step.j_label_seq_id_1 
_ndb_struct_na_base_pair_step.j_symmetry_1 
_ndb_struct_na_base_pair_step.i_label_asym_id_2 
_ndb_struct_na_base_pair_step.i_label_comp_id_2 
_ndb_struct_na_base_pair_step.i_label_seq_id_2 
_ndb_struct_na_base_pair_step.i_symmetry_2 
_ndb_struct_na_base_pair_step.j_label_asym_id_2 
_ndb_struct_na_base_pair_step.j_label_comp_id_2 
_ndb_struct_na_base_pair_step.j_label_seq_id_2 
_ndb_struct_na_base_pair_step.j_symmetry_2 
_ndb_struct_na_base_pair_step.shift 
_ndb_struct_na_base_pair_step.slide 
_ndb_struct_na_base_pair_step.rise 
_ndb_struct_na_base_pair_step.tilt 
_ndb_struct_na_base_pair_step.roll 
_ndb_struct_na_base_pair_step.twist 
_ndb_struct_na_base_pair_step.x_displacement 
_ndb_struct_na_base_pair_step.y_displacement 
_ndb_struct_na_base_pair_step.helical_rise 
_ndb_struct_na_base_pair_step.inclination 
_ndb_struct_na_base_pair_step.tip 
_ndb_struct_na_base_pair_step.helical_twist 
_ndb_struct_na_base_pair_step.step_number 
_ndb_struct_na_base_pair_step.step_name 
_ndb_struct_na_base_pair_step.i_auth_asym_id_1 
_ndb_struct_na_base_pair_step.i_auth_seq_id_1 
_ndb_struct_na_base_pair_step.i_PDB_ins_code_1 
_ndb_struct_na_base_pair_step.j_auth_asym_id_1 
_ndb_struct_na_base_pair_step.j_auth_seq_id_1 
_ndb_struct_na_base_pair_step.j_PDB_ins_code_1 
_ndb_struct_na_base_pair_step.i_auth_asym_id_2 
_ndb_struct_na_base_pair_step.i_auth_seq_id_2 
_ndb_struct_na_base_pair_step.i_PDB_ins_code_2 
_ndb_struct_na_base_pair_step.j_auth_asym_id_2 
_ndb_struct_na_base_pair_step.j_auth_seq_id_2 
_ndb_struct_na_base_pair_step.j_PDB_ins_code_2 
1 A DA 1  1_555 B DT 11 1_555 A DT 2  1_555 B DA 10 1_555 -0.456 -0.324 2.681 1.195  -1.961 30.957 -0.296 1.040  2.676 -3.668 
-2.234 31.040 1 AA_DA-2DT-1:DA21DT22_BB A -2 ? B 22 ? A -1 ? B 21 ? 
1 A DT 2  1_555 B DA 10 1_555 A DC 3  1_555 B DG 9  1_555 -0.303 0.122  2.984 -0.666 6.220  35.287 -0.620 0.405  2.967 10.162 
1.088  35.819 2 AA_DT-1DC1:DG20DA21_BB  A -1 ? B 21 ? A 1  ? B 20 ? 
1 A DC 3  1_555 B DG 9  1_555 A DG 4  1_555 B DC 8  1_555 -0.262 0.303  2.971 -2.330 7.864  34.239 -0.579 0.113  2.976 13.126 
3.888  35.179 3 AA_DC1DG2:DC19DG20_BB   A 1  ? B 20 ? A 2  ? B 19 ? 
1 A DG 4  1_555 B DC 8  1_555 A DC 5  1_555 B DG 7  1_555 0.007  0.734  2.739 5.411  -1.719 36.449 1.354  0.599  2.676 -2.728 
-8.587 36.873 4 AA_DG2DC3:DG18DC19_BB   A 2  ? B 19 ? A 3  ? B 18 ? 
1 A DG 8  1_555 B DC 6  1_555 A DG 9  1_555 B DC 5  1_555 -0.259 0.708  2.903 -8.886 9.344  34.507 -0.059 -0.713 2.965 15.114 
14.373 36.769 5 AA_DG6DG7:DC16DC17_BB   A 6  ? B 17 ? A 7  ? B 16 ? 
1 A DG 9  1_555 B DC 5  1_555 A DC 10 1_555 B DG 4  1_555 -0.035 0.077  2.762 0.251  -2.416 33.411 0.469  0.096  2.749 -4.195 
-0.435 33.496 6 AA_DG7DC8:DG15DC16_BB   A 7  ? B 16 ? A 8  ? B 15 ? 
1 A DC 10 1_555 B DG 4  1_555 A DA 11 1_555 B DT 3  1_555 0.392  0.320  3.305 2.585  6.929  39.712 -0.334 -0.270 3.330 10.094 
-3.765 40.367 7 AA_DC8DA9:DT14DG15_BB   A 8  ? B 15 ? A 9  ? B 14 ? 
1 A DA 11 1_555 B DT 3  1_555 A DT 12 1_555 B DA 2  1_555 -0.204 0.069  2.878 0.336  -1.535 30.723 0.394  0.443  2.869 -2.895 
-0.634 30.762 8 AA_DA9DT10:DA13DT14_BB  A 9  ? B 14 ? A 10 ? B 13 ? 
1 A DT 12 1_555 B DA 2  1_555 A DG 13 1_555 B DC 1  1_555 -0.121 -0.013 2.782 -9.409 -0.009 35.760 -0.019 -0.897 2.726 -0.014 
15.004 36.938 9 AA_DT10DG11:DC12DA13_BB A 10 ? B 13 ? A 11 ? B 12 ? 
# 
_pdbx_nmr_spectrometer.spectrometer_id   1 
_pdbx_nmr_spectrometer.model             AMX500 
_pdbx_nmr_spectrometer.manufacturer      Bruker 
_pdbx_nmr_spectrometer.field_strength    500 
# 
_atom_sites.entry_id                    1AG3 
_atom_sites.fract_transf_matrix[1][1]   1.000000 
_atom_sites.fract_transf_matrix[1][2]   0.000000 
_atom_sites.fract_transf_matrix[1][3]   0.000000 
_atom_sites.fract_transf_matrix[2][1]   0.000000 
_atom_sites.fract_transf_matrix[2][2]   1.000000 
_atom_sites.fract_transf_matrix[2][3]   0.000000 
_atom_sites.fract_transf_matrix[3][1]   0.000000 
_atom_sites.fract_transf_matrix[3][2]   0.000000 
_atom_sites.fract_transf_matrix[3][3]   1.000000 
_atom_sites.fract_transf_vector[1]      0.00000 
_atom_sites.fract_transf_vector[2]      0.00000 
_atom_sites.fract_transf_vector[3]      0.00000 
# 
loop_
_atom_type.symbol 
C 
H 
N 
O 
P 
# 
loop_
_atom_site.group_PDB 
_atom_site.id 
_atom_site.type_symbol 
_atom_site.label_atom_id 
_atom_site.label_alt_id 
_atom_site.label_comp_id 
_atom_site.label_asym_id 
_atom_site.label_entity_id 
_atom_site.label_seq_id 
_atom_site.pdbx_PDB_ins_code 
_atom_site.Cartn_x 
_atom_site.Cartn_y 
_atom_site.Cartn_z 
_atom_site.occupancy 
_atom_site.B_iso_or_equiv 
_atom_site.pdbx_formal_charge 
_atom_site.auth_seq_id 
_atom_site.auth_comp_id 
_atom_site.auth_asym_id 
_atom_site.auth_atom_id 
_atom_site.pdbx_PDB_model_num 
ATOM   1   O "O5'"  . DA A 1 1  ? 18.965  6.237   -4.877  1.00 1.90 ? -2 DA A "O5'"  1 
ATOM   2   C "C5'"  . DA A 1 1  ? 19.570  7.293   -4.125  1.00 1.62 ? -2 DA A "C5'"  1 
ATOM   3   C "C4'"  . DA A 1 1  ? 18.519  8.194   -3.486  1.00 1.44 ? -2 DA A "C4'"  1 
ATOM   4   O "O4'"  . DA A 1 1  ? 17.723  8.843   -4.495  1.00 1.44 ? -2 DA A "O4'"  1 
ATOM   5   C "C3'"  . DA A 1 1  ? 17.582  7.390   -2.593  1.00 1.30 ? -2 DA A "C3'"  1 
ATOM   6   O "O3'"  . DA A 1 1  ? 17.775  7.724   -1.212  1.00 1.23 ? -2 DA A "O3'"  1 
ATOM   7   C "C2'"  . DA A 1 1  ? 16.191  7.741   -3.055  1.00 1.23 ? -2 DA A "C2'"  1 
ATOM   8   C "C1'"  . DA A 1 1  ? 16.344  8.834   -4.093  1.00 1.29 ? -2 DA A "C1'"  1 
ATOM   9   N N9     . DA A 1 1  ? 15.460  8.595   -5.246  1.00 1.28 ? -2 DA A N9     1 
ATOM   10  C C8     . DA A 1 1  ? 15.483  7.592   -6.157  1.00 1.36 ? -2 DA A C8     1 
ATOM   11  N N7     . DA A 1 1  ? 14.601  7.622   -7.100  1.00 1.36 ? -2 DA A N7     1 
ATOM   12  C C5     . DA A 1 1  ? 13.896  8.789   -6.788  1.00 1.26 ? -2 DA A C5     1 
ATOM   13  C C6     . DA A 1 1  ? 12.808  9.426   -7.391  1.00 1.22 ? -2 DA A C6     1 
ATOM   14  N N6     . DA A 1 1  ? 12.210  8.966   -8.490  1.00 1.26 ? -2 DA A N6     1 
ATOM   15  N N1     . DA A 1 1  ? 12.362  10.558  -6.822  1.00 1.16 ? -2 DA A N1     1 
ATOM   16  C C2     . DA A 1 1  ? 12.947  11.039  -5.723  1.00 1.15 ? -2 DA A C2     1 
ATOM   17  N N3     . DA A 1 1  ? 13.980  10.519  -5.071  1.00 1.17 ? -2 DA A N3     1 
ATOM   18  C C4     . DA A 1 1  ? 14.410  9.386   -5.661  1.00 1.22 ? -2 DA A C4     1 
ATOM   19  H "H5'"  . DA A 1 1  ? 20.194  7.889   -4.790  1.00 1.65 ? -2 DA A "H5'"  1 
ATOM   20  H "H5''" . DA A 1 1  ? 20.193  6.860   -3.343  1.00 1.75 ? -2 DA A "H5''" 1 
ATOM   21  H "H4'"  . DA A 1 1  ? 19.011  8.957   -2.885  1.00 1.46 ? -2 DA A "H4'"  1 
ATOM   22  H "H3'"  . DA A 1 1  ? 17.756  6.323   -2.748  1.00 1.38 ? -2 DA A "H3'"  1 
ATOM   23  H "H2'"  . DA A 1 1  ? 15.725  6.867   -3.504  1.00 1.25 ? -2 DA A "H2'"  1 
ATOM   24  H "H2''" . DA A 1 1  ? 15.589  8.100   -2.220  1.00 1.17 ? -2 DA A "H2''" 1 
ATOM   25  H "H1'"  . DA A 1 1  ? 16.103  9.794   -3.641  1.00 1.27 ? -2 DA A "H1'"  1 
ATOM   26  H H8     . DA A 1 1  ? 16.213  6.786   -6.091  1.00 1.45 ? -2 DA A H8     1 
ATOM   27  H H61    . DA A 1 1  ? 11.429  9.465   -8.888  1.00 1.86 ? -2 DA A H61    1 
ATOM   28  H H62    . DA A 1 1  ? 12.541  8.116   -8.925  1.00 1.15 ? -2 DA A H62    1 
ATOM   29  H H2     . DA A 1 1  ? 12.530  11.960  -5.315  1.00 1.15 ? -2 DA A H2     1 
ATOM   30  H "HO5'" . DA A 1 1  ? 18.154  6.583   -5.253  1.00 2.08 ? -2 DA A "HO5'" 1 
ATOM   31  P P      . DT A 1 2  ? 16.769  7.176   -0.075  1.00 1.13 ? -1 DT A P      1 
ATOM   32  O OP1    . DT A 1 2  ? 17.424  7.337   1.241   1.00 1.41 ? -1 DT A OP1    1 
ATOM   33  O OP2    . DT A 1 2  ? 16.272  5.846   -0.495  1.00 2.05 ? -1 DT A OP2    1 
ATOM   34  O "O5'"  . DT A 1 2  ? 15.546  8.221   -0.165  1.00 0.96 ? -1 DT A "O5'"  1 
ATOM   35  C "C5'"  . DT A 1 2  ? 15.747  9.598   0.171   1.00 0.99 ? -1 DT A "C5'"  1 
ATOM   36  C "C4'"  . DT A 1 2  ? 14.445  10.394  0.102   1.00 0.93 ? -1 DT A "C4'"  1 
ATOM   37  O "O4'"  . DT A 1 2  ? 13.930  10.433  -1.248  1.00 0.87 ? -1 DT A "O4'"  1 
ATOM   38  C "C3'"  . DT A 1 2  ? 13.377  9.773   0.994   1.00 0.89 ? -1 DT A "C3'"  1 
ATOM   39  O "O3'"  . DT A 1 2  ? 13.058  10.650  2.085   1.00 1.08 ? -1 DT A "O3'"  1 
ATOM   40  C "C2'"  . DT A 1 2  ? 12.182  9.548   0.097   1.00 0.76 ? -1 DT A "C2'"  1 
ATOM   41  C "C1'"  . DT A 1 2  ? 12.506  10.217  -1.224  1.00 0.74 ? -1 DT A "C1'"  1 
ATOM   42  N N1     . DT A 1 2  ? 12.070  9.398   -2.377  1.00 0.65 ? -1 DT A N1     1 
ATOM   43  C C2     . DT A 1 2  ? 11.224  9.995   -3.296  1.00 0.61 ? -1 DT A C2     1 
ATOM   44  O O2     . DT A 1 2  ? 10.826  11.151  -3.168  1.00 0.67 ? -1 DT A O2     1 
ATOM   45  N N3     . DT A 1 2  ? 10.849  9.215   -4.370  1.00 0.62 ? -1 DT A N3     1 
ATOM   46  C C4     . DT A 1 2  ? 11.235  7.910   -4.608  1.00 0.72 ? -1 DT A C4     1 
ATOM   47  O O4     . DT A 1 2  ? 10.839  7.315   -5.607  1.00 0.83 ? -1 DT A O4     1 
ATOM   48  C C5     . DT A 1 2  ? 12.112  7.363   -3.597  1.00 0.75 ? -1 DT A C5     1 
ATOM   49  C C7     . DT A 1 2  ? 12.597  5.921   -3.727  1.00 0.93 ? -1 DT A C7     1 
ATOM   50  C C6     . DT A 1 2  ? 12.497  8.103   -2.535  1.00 0.69 ? -1 DT A C6     1 
ATOM   51  H "H5'"  . DT A 1 2  ? 16.465  10.032  -0.525  1.00 1.10 ? -1 DT A "H5'"  1 
ATOM   52  H "H5''" . DT A 1 2  ? 16.147  9.661   1.182   1.00 1.07 ? -1 DT A "H5''" 1 
ATOM   53  H "H4'"  . DT A 1 2  ? 14.637  11.413  0.436   1.00 1.07 ? -1 DT A "H4'"  1 
ATOM   54  H "H3'"  . DT A 1 2  ? 13.730  8.813   1.378   1.00 0.91 ? -1 DT A "H3'"  1 
ATOM   55  H "H2'"  . DT A 1 2  ? 12.031  8.479   -0.054  1.00 0.74 ? -1 DT A "H2'"  1 
ATOM   56  H "H2''" . DT A 1 2  ? 11.289  9.993   0.533   1.00 0.81 ? -1 DT A "H2''" 1 
ATOM   57  H "H1'"  . DT A 1 2  ? 12.001  11.184  -1.263  1.00 0.80 ? -1 DT A "H1'"  1 
ATOM   58  H H3     . DT A 1 2  ? 10.228  9.638   -5.045  1.00 0.63 ? -1 DT A H3     1 
ATOM   59  H H71    . DT A 1 2  ? 13.658  5.869   -3.486  1.00 1.37 ? -1 DT A H71    1 
ATOM   60  H H72    . DT A 1 2  ? 12.440  5.575   -4.750  1.00 1.29 ? -1 DT A H72    1 
ATOM   61  H H73    . DT A 1 2  ? 12.036  5.286   -3.039  1.00 1.34 ? -1 DT A H73    1 
ATOM   62  H H6     . DT A 1 2  ? 13.159  7.664   -1.788  1.00 0.75 ? -1 DT A H6     1 
ATOM   63  P P      . DC A 1 3  ? 11.833  10.330  3.083   1.00 0.98 ? 1  DC A P      1 
ATOM   64  O OP1    . DC A 1 3  ? 12.062  11.062  4.349   1.00 1.77 ? 1  DC A OP1    1 
ATOM   65  O OP2    . DC A 1 3  ? 11.618  8.866   3.105   1.00 1.58 ? 1  DC A OP2    1 
ATOM   66  O "O5'"  . DC A 1 3  ? 10.589  11.011  2.324   1.00 0.97 ? 1  DC A "O5'"  1 
ATOM   67  C "C5'"  . DC A 1 3  ? 10.482  12.434  2.243   1.00 1.08 ? 1  DC A "C5'"  1 
ATOM   68  C "C4'"  . DC A 1 3  ? 9.159   12.860  1.622   1.00 1.07 ? 1  DC A "C4'"  1 
ATOM   69  O "O4'"  . DC A 1 3  ? 9.052   12.399  0.255   1.00 0.92 ? 1  DC A "O4'"  1 
ATOM   70  C "C3'"  . DC A 1 3  ? 7.998   12.280  2.412   1.00 1.13 ? 1  DC A "C3'"  1 
ATOM   71  O "O3'"  . DC A 1 3  ? 7.173   13.333  2.930   1.00 1.32 ? 1  DC A "O3'"  1 
ATOM   72  C "C2'"  . DC A 1 3  ? 7.239   11.407  1.443   1.00 0.98 ? 1  DC A "C2'"  1 
ATOM   73  C "C1'"  . DC A 1 3  ? 7.819   11.675  0.068   1.00 0.85 ? 1  DC A "C1'"  1 
ATOM   74  N N1     . DC A 1 3  ? 8.056   10.423  -0.689  1.00 0.72 ? 1  DC A N1     1 
ATOM   75  C C2     . DC A 1 3  ? 7.490   10.320  -1.954  1.00 0.61 ? 1  DC A C2     1 
ATOM   76  O O2     . DC A 1 3  ? 6.782   11.226  -2.391  1.00 0.61 ? 1  DC A O2     1 
ATOM   77  N N3     . DC A 1 3  ? 7.734   9.196   -2.682  1.00 0.56 ? 1  DC A N3     1 
ATOM   78  C C4     . DC A 1 3  ? 8.496   8.209   -2.194  1.00 0.61 ? 1  DC A C4     1 
ATOM   79  N N4     . DC A 1 3  ? 8.715   7.121   -2.937  1.00 0.65 ? 1  DC A N4     1 
ATOM   80  C C5     . DC A 1 3  ? 9.078   8.306   -0.890  1.00 0.69 ? 1  DC A C5     1 
ATOM   81  C C6     . DC A 1 3  ? 8.834   9.424   -0.176  1.00 0.75 ? 1  DC A C6     1 
ATOM   82  H "H5'"  . DC A 1 3  ? 11.302  12.822  1.638   1.00 1.09 ? 1  DC A "H5'"  1 
ATOM   83  H "H5''" . DC A 1 3  ? 10.551  12.853  3.247   1.00 1.23 ? 1  DC A "H5''" 1 
ATOM   84  H "H4'"  . DC A 1 3  ? 9.090   13.947  1.637   1.00 1.19 ? 1  DC A "H4'"  1 
ATOM   85  H "H3'"  . DC A 1 3  ? 8.382   11.669  3.231   1.00 1.17 ? 1  DC A "H3'"  1 
ATOM   86  H "H2'"  . DC A 1 3  ? 7.374   10.358  1.708   1.00 0.96 ? 1  DC A "H2'"  1 
ATOM   87  H "H2''" . DC A 1 3  ? 6.184   11.666  1.457   1.00 1.01 ? 1  DC A "H2''" 1 
ATOM   88  H "H1'"  . DC A 1 3  ? 7.119   12.299  -0.489  1.00 0.86 ? 1  DC A "H1'"  1 
ATOM   89  H H41    . DC A 1 3  ? 8.310   7.050   -3.860  1.00 0.66 ? 1  DC A H41    1 
ATOM   90  H H42    . DC A 1 3  ? 9.289   6.372   -2.579  1.00 0.70 ? 1  DC A H42    1 
ATOM   91  H H5     . DC A 1 3  ? 9.699   7.505   -0.489  1.00 0.75 ? 1  DC A H5     1 
ATOM   92  H H6     . DC A 1 3  ? 9.260   9.530   0.821   1.00 0.87 ? 1  DC A H6     1 
ATOM   93  P P      . DG A 1 4  ? 5.796   13.009  3.694   1.00 1.17 ? 2  DG A P      1 
ATOM   94  O OP1    . DG A 1 4  ? 5.422   14.195  4.498   1.00 2.11 ? 2  DG A OP1    1 
ATOM   95  O OP2    . DG A 1 4  ? 5.925   11.688  4.347   1.00 1.51 ? 2  DG A OP2    1 
ATOM   96  O "O5'"  . DG A 1 4  ? 4.752   12.868  2.475   1.00 1.09 ? 2  DG A "O5'"  1 
ATOM   97  C "C5'"  . DG A 1 4  ? 4.073   14.013  1.954   1.00 1.15 ? 2  DG A "C5'"  1 
ATOM   98  C "C4'"  . DG A 1 4  ? 2.865   13.603  1.122   1.00 1.13 ? 2  DG A "C4'"  1 
ATOM   99  O "O4'"  . DG A 1 4  ? 3.275   12.860  -0.047  1.00 1.02 ? 2  DG A "O4'"  1 
ATOM   100 C "C3'"  . DG A 1 4  ? 1.922   12.738  1.940   1.00 1.19 ? 2  DG A "C3'"  1 
ATOM   101 O "O3'"  . DG A 1 4  ? 0.693   13.440  2.198   1.00 1.28 ? 2  DG A "O3'"  1 
ATOM   102 C "C2'"  . DG A 1 4  ? 1.688   11.500  1.117   1.00 1.10 ? 2  DG A "C2'"  1 
ATOM   103 C "C1'"  . DG A 1 4  ? 2.538   11.622  -0.133  1.00 0.99 ? 2  DG A "C1'"  1 
ATOM   104 N N9     . DG A 1 4  ? 3.454   10.473  -0.259  1.00 0.90 ? 2  DG A N9     1 
ATOM   105 C C8     . DG A 1 4  ? 4.365   10.000  0.621   1.00 0.94 ? 2  DG A C8     1 
ATOM   106 N N7     . DG A 1 4  ? 5.069   8.978   0.265   1.00 0.87 ? 2  DG A N7     1 
ATOM   107 C C5     . DG A 1 4  ? 4.572   8.724   -1.016  1.00 0.77 ? 2  DG A C5     1 
ATOM   108 C C6     . DG A 1 4  ? 4.933   7.717   -1.948  1.00 0.70 ? 2  DG A C6     1 
ATOM   109 O O6     . DG A 1 4  ? 5.790   6.843   -1.832  1.00 0.70 ? 2  DG A O6     1 
ATOM   110 N N1     . DG A 1 4  ? 4.183   7.810   -3.113  1.00 0.65 ? 2  DG A N1     1 
ATOM   111 C C2     . DG A 1 4  ? 3.208   8.757   -3.357  1.00 0.65 ? 2  DG A C2     1 
ATOM   112 N N2     . DG A 1 4  ? 2.588   8.681   -4.534  1.00 0.62 ? 2  DG A N2     1 
ATOM   113 N N3     . DG A 1 4  ? 2.865   9.709   -2.488  1.00 0.73 ? 2  DG A N3     1 
ATOM   114 C C4     . DG A 1 4  ? 3.579   9.636   -1.343  1.00 0.79 ? 2  DG A C4     1 
ATOM   115 H "H5'"  . DG A 1 4  ? 4.759   14.585  1.329   1.00 1.14 ? 2  DG A "H5'"  1 
ATOM   116 H "H5''" . DG A 1 4  ? 3.739   14.639  2.782   1.00 1.26 ? 2  DG A "H5''" 1 
ATOM   117 H "H4'"  . DG A 1 4  ? 2.332   14.498  0.803   1.00 1.20 ? 2  DG A "H4'"  1 
ATOM   118 H "H3'"  . DG A 1 4  ? 2.405   12.458  2.886   1.00 1.24 ? 2  DG A "H3'"  1 
ATOM   119 H "H2'"  . DG A 1 4  ? 1.980   10.612  1.683   1.00 1.11 ? 2  DG A "H2'"  1 
ATOM   120 H "H2''" . DG A 1 4  ? 0.638   11.439  0.842   1.00 1.12 ? 2  DG A "H2''" 1 
ATOM   121 H "H1'"  . DG A 1 4  ? 1.884   11.653  -1.003  1.00 0.97 ? 2  DG A "H1'"  1 
ATOM   122 H H8     . DG A 1 4  ? 4.483   10.453  1.602   1.00 1.04 ? 2  DG A H8     1 
ATOM   123 H H1     . DG A 1 4  ? 4.379   7.118   -3.822  1.00 0.63 ? 2  DG A H1     1 
ATOM   124 H H21    . DG A 1 4  ? 2.841   7.956   -5.192  1.00 0.61 ? 2  DG A H21    1 
ATOM   125 H H22    . DG A 1 4  ? 1.863   9.343   -4.766  1.00 0.64 ? 2  DG A H22    1 
ATOM   126 P P      . DC A 1 5  ? -0.592  12.685  2.818   1.00 1.39 ? 3  DC A P      1 
ATOM   127 O OP1    . DC A 1 5  ? -1.554  13.704  3.288   1.00 2.60 ? 3  DC A OP1    1 
ATOM   128 O OP2    . DC A 1 5  ? -0.115  11.632  3.749   1.00 1.01 ? 3  DC A OP2    1 
ATOM   129 O "O5'"  . DC A 1 5  ? -1.226  11.958  1.528   1.00 1.19 ? 3  DC A "O5'"  1 
ATOM   130 C "C5'"  . DC A 1 5  ? -1.670  12.707  0.385   1.00 1.10 ? 3  DC A "C5'"  1 
ATOM   131 C "C4'"  . DC A 1 5  ? -2.272  11.781  -0.675  1.00 0.97 ? 3  DC A "C4'"  1 
ATOM   132 O "O4'"  . DC A 1 5  ? -1.238  10.978  -1.282  1.00 0.89 ? 3  DC A "O4'"  1 
ATOM   133 C "C3'"  . DC A 1 5  ? -3.302  10.846  -0.047  1.00 1.03 ? 3  DC A "C3'"  1 
ATOM   134 O "O3'"  . DC A 1 5  ? -4.614  11.113  -0.560  1.00 1.07 ? 3  DC A "O3'"  1 
ATOM   135 C "C2'"  . DC A 1 5  ? -2.855  9.447   -0.391  1.00 0.99 ? 3  DC A "C2'"  1 
ATOM   136 C "C1'"  . DC A 1 5  ? -1.564  9.577   -1.190  1.00 0.89 ? 3  DC A "C1'"  1 
ATOM   137 N N1     . DC A 1 5  ? -0.457  8.826   -0.554  1.00 0.89 ? 3  DC A N1     1 
ATOM   138 C C2     . DC A 1 5  ? 0.347   8.044   -1.374  1.00 0.78 ? 3  DC A C2     1 
ATOM   139 O O2     . DC A 1 5  ? 0.104   7.956   -2.577  1.00 0.70 ? 3  DC A O2     1 
ATOM   140 N N3     . DC A 1 5  ? 1.394   7.381   -0.811  1.00 0.79 ? 3  DC A N3     1 
ATOM   141 C C4     . DC A 1 5  ? 1.644   7.476   0.501   1.00 0.90 ? 3  DC A C4     1 
ATOM   142 N N4     . DC A 1 5  ? 2.667   6.798   1.027   1.00 0.92 ? 3  DC A N4     1 
ATOM   143 C C5     . DC A 1 5  ? 0.819   8.277   1.351   1.00 1.02 ? 3  DC A C5     1 
ATOM   144 C C6     . DC A 1 5  ? -0.214  8.930   0.787   1.00 1.01 ? 3  DC A C6     1 
ATOM   145 H "H5'"  . DC A 1 5  ? -0.819  13.236  -0.042  1.00 1.09 ? 3  DC A "H5'"  1 
ATOM   146 H "H5''" . DC A 1 5  ? -2.425  13.437  0.695   1.00 1.17 ? 3  DC A "H5''" 1 
ATOM   147 H "H4'"  . DC A 1 5  ? -2.757  12.383  -1.453  1.00 0.95 ? 3  DC A "H4'"  1 
ATOM   148 H "H3'"  . DC A 1 5  ? -3.295  10.973  1.039   1.00 1.13 ? 3  DC A "H3'"  1 
ATOM   149 H "H2'"  . DC A 1 5  ? -2.678  8.879   0.522   1.00 1.09 ? 3  DC A "H2'"  1 
ATOM   150 H "H2''" . DC A 1 5  ? -3.615  8.954   -0.994  1.00 0.97 ? 3  DC A "H2''" 1 
ATOM   151 H "H1'"  . DC A 1 5  ? -1.729  9.184   -2.192  1.00 0.86 ? 3  DC A "H1'"  1 
ATOM   152 H H41    . DC A 1 5  ? 3.253   6.228   0.436   1.00 0.85 ? 3  DC A H41    1 
ATOM   153 H H42    . DC A 1 5  ? 2.852   6.855   2.019   1.00 1.02 ? 3  DC A H42    1 
ATOM   154 H H5     . DC A 1 5  ? 1.022   8.362   2.418   1.00 1.14 ? 3  DC A H5     1 
ATOM   155 H H6     . DC A 1 5  ? -0.862  9.549   1.405   1.00 1.12 ? 3  DC A H6     1 
HETATM 156 P P      . P  A 1 6  ? -5.911  10.359  0.035   1.00 1.25 ? 4  P  A P      1 
HETATM 157 O OP1    . P  A 1 6  ? -7.052  11.300  -0.009  1.00 1.25 ? 4  P  A OP1    1 
HETATM 158 O OP2    . P  A 1 6  ? -5.536  9.712   1.314   1.00 2.36 ? 4  P  A OP2    1 
HETATM 159 O "O5'"  . P  A 1 6  ? -6.173  9.203   -1.051  1.00 1.28 ? 4  P  A "O5'"  1 
HETATM 160 C "C5'"  . P  A 1 6  ? -6.443  9.547   -2.412  1.00 0.84 ? 4  P  A "C5'"  1 
HETATM 161 C "C4'"  . P  A 1 6  ? -6.392  8.325   -3.319  1.00 0.80 ? 4  P  A "C4'"  1 
HETATM 162 O "O4'"  . P  A 1 6  ? -5.098  7.686   -3.242  1.00 0.82 ? 4  P  A "O4'"  1 
HETATM 163 C "C3'"  . P  A 1 6  ? -7.451  7.315   -2.908  1.00 0.82 ? 4  P  A "C3'"  1 
HETATM 164 O "O3'"  . P  A 1 6  ? -8.429  7.152   -3.942  1.00 0.84 ? 4  P  A "O3'"  1 
HETATM 165 C "C2'"  . P  A 1 6  ? -6.715  6.027   -2.646  1.00 0.85 ? 4  P  A "C2'"  1 
HETATM 166 C "C1'"  . P  A 1 6  ? -5.233  6.323   -2.788  1.00 0.82 ? 4  P  A "C1'"  1 
HETATM 167 N N9     . P  A 1 6  ? -4.544  6.129   -1.500  1.00 0.81 ? 4  P  A N9     1 
HETATM 168 C C8     . P  A 1 6  ? -4.823  6.664   -0.291  1.00 0.87 ? 4  P  A C8     1 
HETATM 169 N N7     . P  A 1 6  ? -4.076  6.321   0.700   1.00 0.88 ? 4  P  A N7     1 
HETATM 170 C C5     . P  A 1 6  ? -3.174  5.441   0.091   1.00 0.81 ? 4  P  A C5     1 
HETATM 171 C C6     . P  A 1 6  ? -2.095  4.723   0.669   1.00 0.81 ? 4  P  A C6     1 
HETATM 172 O O6     . P  A 1 6  ? -1.738  4.741   1.847   1.00 0.85 ? 4  P  A O6     1 
HETATM 173 N N1     . P  A 1 6  ? -1.404  3.930   -0.248  1.00 0.78 ? 4  P  A N1     1 
HETATM 174 C C2     . P  A 1 6  ? -1.794  3.871   -1.688  1.00 0.76 ? 4  P  A C2     1 
HETATM 175 N N2     . P  A 1 6  ? -1.059  3.057   -2.538  1.00 0.79 ? 4  P  A N2     1 
HETATM 176 N N3     . P  A 1 6  ? -2.820  4.573   -2.179  1.00 0.76 ? 4  P  A N3     1 
HETATM 177 C C4     . P  A 1 6  ? -3.455  5.320   -1.258  1.00 0.78 ? 4  P  A C4     1 
HETATM 178 C C6A    . P  A 1 6  ? -0.091  2.085   -2.001  1.00 0.84 ? 4  P  A C6A    1 
HETATM 179 C C7A    . P  A 1 6  ? 0.693   2.733   -0.872  1.00 0.79 ? 4  P  A C7A    1 
HETATM 180 C C8A    . P  A 1 6  ? -0.261  3.123   0.245   1.00 0.80 ? 4  P  A C8A    1 
HETATM 181 H "H5'"  . P  A 1 6  ? -5.701  10.270  -2.749  1.00 1.20 ? 4  P  A "H5'"  1 
HETATM 182 H "H5''" . P  A 1 6  ? -7.434  9.996   -2.476  1.00 0.99 ? 4  P  A "H5''" 1 
HETATM 183 H "H4'"  . P  A 1 6  ? -6.575  8.635   -4.347  1.00 0.78 ? 4  P  A "H4'"  1 
HETATM 184 H "H3'"  . P  A 1 6  ? -7.935  7.648   -1.987  1.00 0.87 ? 4  P  A "H3'"  1 
HETATM 185 H "H2'"  . P  A 1 6  ? -6.928  5.678   -1.635  1.00 0.91 ? 4  P  A "H2'"  1 
HETATM 186 H "H2''" . P  A 1 6  ? -7.014  5.273   -3.371  1.00 0.87 ? 4  P  A "H2''" 1 
HETATM 187 H "H1'"  . P  A 1 6  ? -4.801  5.652   -3.530  1.00 0.84 ? 4  P  A "H1'"  1 
HETATM 188 H H8     . P  A 1 6  ? -5.657  7.353   -0.161  1.00 0.92 ? 4  P  A H8     1 
HETATM 189 H H2     . P  A 1 6  ? -1.319  3.014   -3.514  1.00 0.80 ? 4  P  A H2     1 
HETATM 190 H H6A1   . P  A 1 6  ? 0.595   1.779   -2.791  1.00 0.87 ? 4  P  A H6A1   1 
HETATM 191 H H6A2   . P  A 1 6  ? -0.623  1.212   -1.622  1.00 0.91 ? 4  P  A H6A2   1 
HETATM 192 H H7A1   . P  A 1 6  ? 1.199   3.621   -1.244  1.00 0.75 ? 4  P  A H7A1   1 
HETATM 193 H H7A2   . P  A 1 6  ? 1.430   2.026   -0.491  1.00 0.84 ? 4  P  A H7A2   1 
HETATM 194 H H8A1   . P  A 1 6  ? 0.287   3.703   0.989   1.00 0.79 ? 4  P  A H8A1   1 
HETATM 195 H H8A2   . P  A 1 6  ? -0.643  2.218   0.714   1.00 0.89 ? 4  P  A H8A2   1 
ATOM   196 P P      . DC A 1 7  ? -9.761  6.283   -3.683  1.00 0.90 ? 5  DC A P      1 
ATOM   197 O OP1    . DC A 1 7  ? -10.759 6.651   -4.712  1.00 1.78 ? 5  DC A OP1    1 
ATOM   198 O OP2    . DC A 1 7  ? -10.110 6.382   -2.247  1.00 1.38 ? 5  DC A OP2    1 
ATOM   199 O "O5'"  . DC A 1 7  ? -9.259  4.783   -3.977  1.00 0.87 ? 5  DC A "O5'"  1 
ATOM   200 C "C5'"  . DC A 1 7  ? -8.951  4.370   -5.313  1.00 0.85 ? 5  DC A "C5'"  1 
ATOM   201 C "C4'"  . DC A 1 7  ? -8.302  2.989   -5.341  1.00 0.82 ? 5  DC A "C4'"  1 
ATOM   202 O "O4'"  . DC A 1 7  ? -7.077  2.984   -4.574  1.00 0.83 ? 5  DC A "O4'"  1 
ATOM   203 C "C3'"  . DC A 1 7  ? -9.234  1.935   -4.759  1.00 0.83 ? 5  DC A "C3'"  1 
ATOM   204 O "O3'"  . DC A 1 7  ? -9.749  1.080   -5.790  1.00 0.84 ? 5  DC A "O3'"  1 
ATOM   205 C "C2'"  . DC A 1 7  ? -8.401  1.158   -3.772  1.00 0.86 ? 5  DC A "C2'"  1 
ATOM   206 C "C1'"  . DC A 1 7  ? -7.099  1.923   -3.595  1.00 0.85 ? 5  DC A "C1'"  1 
ATOM   207 N N1     . DC A 1 7  ? -6.977  2.474   -2.223  1.00 0.89 ? 5  DC A N1     1 
ATOM   208 C C2     . DC A 1 7  ? -5.730  2.410   -1.613  1.00 0.94 ? 5  DC A C2     1 
ATOM   209 O O2     . DC A 1 7  ? -4.776  1.901   -2.202  1.00 0.97 ? 5  DC A O2     1 
ATOM   210 N N3     . DC A 1 7  ? -5.599  2.919   -0.357  1.00 1.00 ? 5  DC A N3     1 
ATOM   211 C C4     . DC A 1 7  ? -6.642  3.467   0.277   1.00 1.03 ? 5  DC A C4     1 
ATOM   212 N N4     . DC A 1 7  ? -6.474  3.960   1.504   1.00 1.11 ? 5  DC A N4     1 
ATOM   213 C C5     . DC A 1 7  ? -7.929  3.536   -0.344  1.00 0.99 ? 5  DC A C5     1 
ATOM   214 C C6     . DC A 1 7  ? -8.052  3.032   -1.587  1.00 0.91 ? 5  DC A C6     1 
ATOM   215 H "H5'"  . DC A 1 7  ? -8.266  5.093   -5.759  1.00 0.88 ? 5  DC A "H5'"  1 
ATOM   216 H "H5''" . DC A 1 7  ? -9.870  4.344   -5.897  1.00 0.87 ? 5  DC A "H5''" 1 
ATOM   217 H "H4'"  . DC A 1 7  ? -8.072  2.727   -6.374  1.00 0.84 ? 5  DC A "H4'"  1 
ATOM   218 H "H3'"  . DC A 1 7  ? -10.056 2.424   -4.233  1.00 0.85 ? 5  DC A "H3'"  1 
ATOM   219 H "H2'"  . DC A 1 7  ? -8.924  1.073   -2.820  1.00 0.88 ? 5  DC A "H2'"  1 
ATOM   220 H "H2''" . DC A 1 7  ? -8.191  0.169   -4.171  1.00 0.88 ? 5  DC A "H2''" 1 
ATOM   221 H "H1'"  . DC A 1 7  ? -6.265  1.246   -3.781  1.00 0.88 ? 5  DC A "H1'"  1 
ATOM   222 H H41    . DC A 1 7  ? -5.568  3.915   1.947   1.00 1.15 ? 5  DC A H41    1 
ATOM   223 H H42    . DC A 1 7  ? -7.254  4.378   1.991   1.00 1.16 ? 5  DC A H42    1 
ATOM   224 H H5     . DC A 1 7  ? -8.783  3.976   0.173   1.00 1.05 ? 5  DC A H5     1 
ATOM   225 H H6     . DC A 1 7  ? -9.018  3.071   -2.092  1.00 0.90 ? 5  DC A H6     1 
ATOM   226 P P      . DG A 1 8  ? -10.770 -0.122  -5.445  1.00 0.85 ? 6  DG A P      1 
ATOM   227 O OP1    . DG A 1 8  ? -11.817 -0.151  -6.492  1.00 2.00 ? 6  DG A OP1    1 
ATOM   228 O OP2    . DG A 1 8  ? -11.156 -0.016  -4.020  1.00 0.97 ? 6  DG A OP2    1 
ATOM   229 O "O5'"  . DG A 1 8  ? -9.846  -1.430  -5.621  1.00 0.77 ? 6  DG A "O5'"  1 
ATOM   230 C "C5'"  . DG A 1 8  ? -9.304  -1.766  -6.903  1.00 0.83 ? 6  DG A "C5'"  1 
ATOM   231 C "C4'"  . DG A 1 8  ? -8.271  -2.887  -6.810  1.00 0.85 ? 6  DG A "C4'"  1 
ATOM   232 O "O4'"  . DG A 1 8  ? -7.209  -2.529  -5.896  1.00 0.85 ? 6  DG A "O4'"  1 
ATOM   233 C "C3'"  . DG A 1 8  ? -8.907  -4.182  -6.315  1.00 0.79 ? 6  DG A "C3'"  1 
ATOM   234 O "O3'"  . DG A 1 8  ? -8.744  -5.225  -7.290  1.00 0.91 ? 6  DG A "O3'"  1 
ATOM   235 C "C2'"  . DG A 1 8  ? -8.198  -4.517  -5.023  1.00 0.76 ? 6  DG A "C2'"  1 
ATOM   236 C "C1'"  . DG A 1 8  ? -7.008  -3.581  -4.929  1.00 0.80 ? 6  DG A "C1'"  1 
ATOM   237 N N9     . DG A 1 8  ? -6.860  -3.032  -3.566  1.00 0.74 ? 6  DG A N9     1 
ATOM   238 C C8     . DG A 1 8  ? -7.803  -2.631  -2.673  1.00 0.67 ? 6  DG A C8     1 
ATOM   239 N N7     . DG A 1 8  ? -7.393  -2.185  -1.533  1.00 0.66 ? 6  DG A N7     1 
ATOM   240 C C5     . DG A 1 8  ? -6.006  -2.295  -1.665  1.00 0.71 ? 6  DG A C5     1 
ATOM   241 C C6     . DG A 1 8  ? -4.973  -1.965  -0.747  1.00 0.74 ? 6  DG A C6     1 
ATOM   242 O O6     . DG A 1 8  ? -5.077  -1.500  0.388   1.00 0.72 ? 6  DG A O6     1 
ATOM   243 N N1     . DG A 1 8  ? -3.718  -2.232  -1.278  1.00 0.82 ? 6  DG A N1     1 
ATOM   244 C C2     . DG A 1 8  ? -3.479  -2.752  -2.536  1.00 0.87 ? 6  DG A C2     1 
ATOM   245 N N2     . DG A 1 8  ? -2.201  -2.940  -2.869  1.00 0.96 ? 6  DG A N2     1 
ATOM   246 N N3     . DG A 1 8  ? -4.443  -3.062  -3.403  1.00 0.85 ? 6  DG A N3     1 
ATOM   247 C C4     . DG A 1 8  ? -5.674  -2.811  -2.908  1.00 0.77 ? 6  DG A C4     1 
ATOM   248 H "H5'"  . DG A 1 8  ? -8.828  -0.882  -7.328  1.00 0.90 ? 6  DG A "H5'"  1 
ATOM   249 H "H5''" . DG A 1 8  ? -10.114 -2.083  -7.559  1.00 0.84 ? 6  DG A "H5''" 1 
ATOM   250 H "H4'"  . DG A 1 8  ? -7.846  -3.056  -7.800  1.00 0.95 ? 6  DG A "H4'"  1 
ATOM   251 H "H3'"  . DG A 1 8  ? -9.968  -4.018  -6.116  1.00 0.73 ? 6  DG A "H3'"  1 
ATOM   252 H "H2'"  . DG A 1 8  ? -8.871  -4.354  -4.182  1.00 0.69 ? 6  DG A "H2'"  1 
ATOM   253 H "H2''" . DG A 1 8  ? -7.857  -5.553  -5.033  1.00 0.81 ? 6  DG A "H2''" 1 
ATOM   254 H "H1'"  . DG A 1 8  ? -6.102  -4.134  -5.185  1.00 0.87 ? 6  DG A "H1'"  1 
ATOM   255 H H8     . DG A 1 8  ? -8.865  -2.693  -2.906  1.00 0.65 ? 6  DG A H8     1 
ATOM   256 H H1     . DG A 1 8  ? -2.931  -2.034  -0.677  1.00 0.85 ? 6  DG A H1     1 
ATOM   257 H H21    . DG A 1 8  ? -1.470  -2.706  -2.214  1.00 0.99 ? 6  DG A H21    1 
ATOM   258 H H22    . DG A 1 8  ? -1.966  -3.319  -3.776  1.00 1.02 ? 6  DG A H22    1 
ATOM   259 P P      . DG A 1 9  ? -9.038  -6.771  -6.928  1.00 0.96 ? 7  DG A P      1 
ATOM   260 O OP1    . DG A 1 9  ? -9.221  -7.515  -8.194  1.00 1.56 ? 7  DG A OP1    1 
ATOM   261 O OP2    . DG A 1 9  ? -10.091 -6.814  -5.888  1.00 1.80 ? 7  DG A OP2    1 
ATOM   262 O "O5'"  . DG A 1 9  ? -7.649  -7.241  -6.260  1.00 0.93 ? 7  DG A "O5'"  1 
ATOM   263 C "C5'"  . DG A 1 9  ? -6.470  -7.379  -7.059  1.00 0.97 ? 7  DG A "C5'"  1 
ATOM   264 C "C4'"  . DG A 1 9  ? -5.305  -7.954  -6.257  1.00 0.92 ? 7  DG A "C4'"  1 
ATOM   265 O "O4'"  . DG A 1 9  ? -4.924  -7.063  -5.184  1.00 0.86 ? 7  DG A "O4'"  1 
ATOM   266 C "C3'"  . DG A 1 9  ? -5.677  -9.299  -5.643  1.00 0.89 ? 7  DG A "C3'"  1 
ATOM   267 O "O3'"  . DG A 1 9  ? -4.817  -10.335 -6.144  1.00 1.00 ? 7  DG A "O3'"  1 
ATOM   268 C "C2'"  . DG A 1 9  ? -5.519  -9.119  -4.152  1.00 0.78 ? 7  DG A "C2'"  1 
ATOM   269 C "C1'"  . DG A 1 9  ? -4.809  -7.802  -3.951  1.00 0.77 ? 7  DG A "C1'"  1 
ATOM   270 N N9     . DG A 1 9  ? -5.387  -7.051  -2.821  1.00 0.68 ? 7  DG A N9     1 
ATOM   271 C C8     . DG A 1 9  ? -6.670  -6.676  -2.599  1.00 0.65 ? 7  DG A C8     1 
ATOM   272 N N7     . DG A 1 9  ? -6.919  -5.999  -1.528  1.00 0.57 ? 7  DG A N7     1 
ATOM   273 C C5     . DG A 1 9  ? -5.650  -5.903  -0.950  1.00 0.56 ? 7  DG A C5     1 
ATOM   274 C C6     . DG A 1 9  ? -5.243  -5.273  0.256   1.00 0.52 ? 7  DG A C6     1 
ATOM   275 O O6     . DG A 1 9  ? -5.933  -4.657  1.065   1.00 0.48 ? 7  DG A O6     1 
ATOM   276 N N1     . DG A 1 9  ? -3.878  -5.413  0.469   1.00 0.55 ? 7  DG A N1     1 
ATOM   277 C C2     . DG A 1 9  ? -3.006  -6.076  -0.371  1.00 0.60 ? 7  DG A C2     1 
ATOM   278 N N2     . DG A 1 9  ? -1.730  -6.118  0.013   1.00 0.64 ? 7  DG A N2     1 
ATOM   279 N N3     . DG A 1 9  ? -3.379  -6.669  -1.508  1.00 0.64 ? 7  DG A N3     1 
ATOM   280 C C4     . DG A 1 9  ? -4.706  -6.546  -1.736  1.00 0.62 ? 7  DG A C4     1 
ATOM   281 H "H5'"  . DG A 1 9  ? -6.185  -6.401  -7.445  1.00 1.02 ? 7  DG A "H5'"  1 
ATOM   282 H "H5''" . DG A 1 9  ? -6.684  -8.043  -7.897  1.00 1.04 ? 7  DG A "H5''" 1 
ATOM   283 H "H4'"  . DG A 1 9  ? -4.450  -8.092  -6.920  1.00 0.98 ? 7  DG A "H4'"  1 
ATOM   284 H "H3'"  . DG A 1 9  ? -6.719  -9.532  -5.874  1.00 0.91 ? 7  DG A "H3'"  1 
ATOM   285 H "H2'"  . DG A 1 9  ? -6.499  -9.089  -3.678  1.00 0.74 ? 7  DG A "H2'"  1 
ATOM   286 H "H2''" . DG A 1 9  ? -4.920  -9.923  -3.731  1.00 0.78 ? 7  DG A "H2''" 1 
ATOM   287 H "H1'"  . DG A 1 9  ? -3.759  -8.002  -3.748  1.00 0.79 ? 7  DG A "H1'"  1 
ATOM   288 H H8     . DG A 1 9  ? -7.465  -6.949  -3.293  1.00 0.69 ? 7  DG A H8     1 
ATOM   289 H H1     . DG A 1 9  ? -3.516  -4.984  1.309   1.00 0.55 ? 7  DG A H1     1 
ATOM   290 H H21    . DG A 1 9  ? -1.446  -5.670  0.873   1.00 0.63 ? 7  DG A H21    1 
ATOM   291 H H22    . DG A 1 9  ? -1.048  -6.600  -0.554  1.00 0.69 ? 7  DG A H22    1 
ATOM   292 P P      . DC A 1 10 ? -4.790  -11.803 -5.474  1.00 1.00 ? 8  DC A P      1 
ATOM   293 O OP1    . DC A 1 10 ? -4.192  -12.744 -6.448  1.00 2.02 ? 8  DC A OP1    1 
ATOM   294 O OP2    . DC A 1 10 ? -6.127  -12.082 -4.904  1.00 1.18 ? 8  DC A OP2    1 
ATOM   295 O "O5'"  . DC A 1 10 ? -3.753  -11.610 -4.255  1.00 0.90 ? 8  DC A "O5'"  1 
ATOM   296 C "C5'"  . DC A 1 10 ? -2.371  -11.336 -4.511  1.00 0.93 ? 8  DC A "C5'"  1 
ATOM   297 C "C4'"  . DC A 1 10 ? -1.573  -11.199 -3.218  1.00 0.84 ? 8  DC A "C4'"  1 
ATOM   298 O "O4'"  . DC A 1 10 ? -2.081  -10.114 -2.407  1.00 0.76 ? 8  DC A "O4'"  1 
ATOM   299 C "C3'"  . DC A 1 10 ? -1.654  -12.479 -2.394  1.00 0.79 ? 8  DC A "C3'"  1 
ATOM   300 O "O3'"  . DC A 1 10 ? -0.343  -13.021 -2.182  1.00 0.82 ? 8  DC A "O3'"  1 
ATOM   301 C "C2'"  . DC A 1 10 ? -2.302  -12.076 -1.093  1.00 0.67 ? 8  DC A "C2'"  1 
ATOM   302 C "C1'"  . DC A 1 10 ? -2.255  -10.567 -1.051  1.00 0.65 ? 8  DC A "C1'"  1 
ATOM   303 N N1     . DC A 1 10 ? -3.477  -9.995  -0.442  1.00 0.58 ? 8  DC A N1     1 
ATOM   304 C C2     . DC A 1 10 ? -3.306  -9.117  0.617   1.00 0.53 ? 8  DC A C2     1 
ATOM   305 O O2     . DC A 1 10 ? -2.176  -8.858  1.027   1.00 0.54 ? 8  DC A O2     1 
ATOM   306 N N3     . DC A 1 10 ? -4.412  -8.564  1.185   1.00 0.49 ? 8  DC A N3     1 
ATOM   307 C C4     . DC A 1 10 ? -5.638  -8.858  0.736   1.00 0.50 ? 8  DC A C4     1 
ATOM   308 N N4     . DC A 1 10 ? -6.697  -8.286  1.311   1.00 0.49 ? 8  DC A N4     1 
ATOM   309 C C5     . DC A 1 10 ? -5.823  -9.768  -0.353  1.00 0.57 ? 8  DC A C5     1 
ATOM   310 C C6     . DC A 1 10 ? -4.721  -10.310 -0.911  1.00 0.61 ? 8  DC A C6     1 
ATOM   311 H "H5'"  . DC A 1 10 ? -2.291  -10.408 -5.077  1.00 0.96 ? 8  DC A "H5'"  1 
ATOM   312 H "H5''" . DC A 1 10 ? -1.951  -12.150 -5.102  1.00 1.00 ? 8  DC A "H5''" 1 
ATOM   313 H "H4'"  . DC A 1 10 ? -0.530  -10.999 -3.463  1.00 0.88 ? 8  DC A "H4'"  1 
ATOM   314 H "H3'"  . DC A 1 10 ? -2.283  -13.209 -2.907  1.00 0.85 ? 8  DC A "H3'"  1 
ATOM   315 H "H2'"  . DC A 1 10 ? -3.336  -12.421 -1.075  1.00 0.66 ? 8  DC A "H2'"  1 
ATOM   316 H "H2''" . DC A 1 10 ? -1.752  -12.484 -0.251  1.00 0.62 ? 8  DC A "H2''" 1 
ATOM   317 H "H1'"  . DC A 1 10 ? -1.391  -10.266 -0.462  1.00 0.64 ? 8  DC A "H1'"  1 
ATOM   318 H H41    . DC A 1 10 ? -6.568  -7.644  2.080   1.00 0.47 ? 8  DC A H41    1 
ATOM   319 H H42    . DC A 1 10 ? -7.626  -8.493  0.976   1.00 0.53 ? 8  DC A H42    1 
ATOM   320 H H5     . DC A 1 10 ? -6.820  -10.019 -0.714  1.00 0.61 ? 8  DC A H5     1 
ATOM   321 H H6     . DC A 1 10 ? -4.824  -11.010 -1.741  1.00 0.67 ? 8  DC A H6     1 
ATOM   322 P P      . DA A 1 11 ? -0.117  -14.355 -1.304  1.00 0.77 ? 9  DA A P      1 
ATOM   323 O OP1    . DA A 1 11 ? 1.117   -15.019 -1.782  1.00 1.94 ? 9  DA A OP1    1 
ATOM   324 O OP2    . DA A 1 11 ? -1.391  -15.110 -1.260  1.00 0.89 ? 9  DA A OP2    1 
ATOM   325 O "O5'"  . DA A 1 11 ? 0.165   -13.753 0.162   1.00 0.65 ? 9  DA A "O5'"  1 
ATOM   326 C "C5'"  . DA A 1 11 ? 1.305   -12.918 0.395   1.00 0.68 ? 9  DA A "C5'"  1 
ATOM   327 C "C4'"  . DA A 1 11 ? 1.386   -12.476 1.849   1.00 0.59 ? 9  DA A "C4'"  1 
ATOM   328 O "O4'"  . DA A 1 11 ? 0.296   -11.584 2.183   1.00 0.55 ? 9  DA A "O4'"  1 
ATOM   329 C "C3'"  . DA A 1 11 ? 1.311   -13.686 2.762   1.00 0.51 ? 9  DA A "C3'"  1 
ATOM   330 O "O3'"  . DA A 1 11 ? 2.458   -13.740 3.613   1.00 0.54 ? 9  DA A "O3'"  1 
ATOM   331 C "C2'"  . DA A 1 11 ? 0.043   -13.516 3.552   1.00 0.43 ? 9  DA A "C2'"  1 
ATOM   332 C "C1'"  . DA A 1 11 ? -0.424  -12.090 3.325   1.00 0.45 ? 9  DA A "C1'"  1 
ATOM   333 N N9     . DA A 1 11 ? -1.880  -12.036 3.093   1.00 0.42 ? 9  DA A N9     1 
ATOM   334 C C8     . DA A 1 11 ? -2.636  -12.715 2.200   1.00 0.46 ? 9  DA A C8     1 
ATOM   335 N N7     . DA A 1 11 ? -3.902  -12.460 2.169   1.00 0.48 ? 9  DA A N7     1 
ATOM   336 C C5     . DA A 1 11 ? -4.017  -11.489 3.168   1.00 0.41 ? 9  DA A C5     1 
ATOM   337 C C6     . DA A 1 11 ? -5.105  -10.770 3.670   1.00 0.40 ? 9  DA A C6     1 
ATOM   338 N N6     . DA A 1 11 ? -6.350  -10.913 3.211   1.00 0.48 ? 9  DA A N6     1 
ATOM   339 N N1     . DA A 1 11 ? -4.864  -9.894  4.659   1.00 0.36 ? 9  DA A N1     1 
ATOM   340 C C2     . DA A 1 11 ? -3.627  -9.729  5.130   1.00 0.35 ? 9  DA A C2     1 
ATOM   341 N N3     . DA A 1 11 ? -2.525  -10.354 4.728   1.00 0.37 ? 9  DA A N3     1 
ATOM   342 C C4     . DA A 1 11 ? -2.791  -11.227 3.737   1.00 0.38 ? 9  DA A C4     1 
ATOM   343 H "H5'"  . DA A 1 11 ? 1.239   -12.037 -0.241  1.00 0.76 ? 9  DA A "H5'"  1 
ATOM   344 H "H5''" . DA A 1 11 ? 2.209   -13.473 0.145   1.00 0.72 ? 9  DA A "H5''" 1 
ATOM   345 H "H4'"  . DA A 1 11 ? 2.332   -11.961 2.016   1.00 0.66 ? 9  DA A "H4'"  1 
ATOM   346 H "H3'"  . DA A 1 11 ? 1.249   -14.595 2.160   1.00 0.52 ? 9  DA A "H3'"  1 
ATOM   347 H "H2'"  . DA A 1 11 ? -0.713  -14.215 3.185   1.00 0.43 ? 9  DA A "H2'"  1 
ATOM   348 H "H2''" . DA A 1 11 ? 0.234   -13.687 4.610   1.00 0.43 ? 9  DA A "H2''" 1 
ATOM   349 H "H1'"  . DA A 1 11 ? -0.177  -11.491 4.200   1.00 0.45 ? 9  DA A "H1'"  1 
ATOM   350 H H8     . DA A 1 11 ? -2.191  -13.460 1.542   1.00 0.52 ? 9  DA A H8     1 
ATOM   351 H H61    . DA A 1 11 ? -7.102  -10.367 3.610   1.00 0.49 ? 9  DA A H61    1 
ATOM   352 H H62    . DA A 1 11 ? -6.541  -11.565 2.464   1.00 0.54 ? 9  DA A H62    1 
ATOM   353 H H2     . DA A 1 11 ? -3.507  -9.001  5.931   1.00 0.38 ? 9  DA A H2     1 
ATOM   354 P P      . DT A 1 12 ? 2.678   -14.971 4.627   1.00 0.53 ? 10 DT A P      1 
ATOM   355 O OP1    . DT A 1 12 ? 4.131   -15.156 4.818   1.00 1.43 ? 10 DT A OP1    1 
ATOM   356 O OP2    . DT A 1 12 ? 1.837   -16.107 4.186   1.00 1.33 ? 10 DT A OP2    1 
ATOM   357 O "O5'"  . DT A 1 12 ? 2.065   -14.390 5.989   1.00 0.57 ? 10 DT A "O5'"  1 
ATOM   358 C "C5'"  . DT A 1 12 ? 2.570   -13.168 6.529   1.00 0.69 ? 10 DT A "C5'"  1 
ATOM   359 C "C4'"  . DT A 1 12 ? 1.664   -12.628 7.627   1.00 0.77 ? 10 DT A "C4'"  1 
ATOM   360 O "O4'"  . DT A 1 12 ? 0.386   -12.219 7.094   1.00 0.67 ? 10 DT A "O4'"  1 
ATOM   361 C "C3'"  . DT A 1 12 ? 1.413   -13.693 8.685   1.00 0.85 ? 10 DT A "C3'"  1 
ATOM   362 O "O3'"  . DT A 1 12 ? 1.987   -13.304 9.935   1.00 1.03 ? 10 DT A "O3'"  1 
ATOM   363 C "C2'"  . DT A 1 12 ? -0.091  -13.821 8.786   1.00 0.81 ? 10 DT A "C2'"  1 
ATOM   364 C "C1'"  . DT A 1 12 ? -0.669  -12.692 7.955   1.00 0.70 ? 10 DT A "C1'"  1 
ATOM   365 N N1     . DT A 1 12 ? -1.853  -13.115 7.164   1.00 0.58 ? 10 DT A N1     1 
ATOM   366 C C2     . DT A 1 12 ? -3.015  -12.381 7.330   1.00 0.56 ? 10 DT A C2     1 
ATOM   367 O O2     . DT A 1 12 ? -3.091  -11.439 8.118   1.00 0.65 ? 10 DT A O2     1 
ATOM   368 N N3     . DT A 1 12 ? -4.092  -12.764 6.557   1.00 0.51 ? 10 DT A N3     1 
ATOM   369 C C4     . DT A 1 12 ? -4.114  -13.799 5.643   1.00 0.51 ? 10 DT A C4     1 
ATOM   370 O O4     . DT A 1 12 ? -5.132  -14.044 5.000   1.00 0.57 ? 10 DT A O4     1 
ATOM   371 C C5     . DT A 1 12 ? -2.863  -14.514 5.535   1.00 0.51 ? 10 DT A C5     1 
ATOM   372 C C7     . DT A 1 12 ? -2.747  -15.677 4.553   1.00 0.57 ? 10 DT A C7     1 
ATOM   373 C C6     . DT A 1 12 ? -1.794  -14.164 6.281   1.00 0.53 ? 10 DT A C6     1 
ATOM   374 H "H5'"  . DT A 1 12 ? 2.643   -12.431 5.730   1.00 0.70 ? 10 DT A "H5'"  1 
ATOM   375 H "H5''" . DT A 1 12 ? 3.565   -13.342 6.939   1.00 0.77 ? 10 DT A "H5''" 1 
ATOM   376 H "H4'"  . DT A 1 12 ? 2.144   -11.768 8.095   1.00 0.89 ? 10 DT A "H4'"  1 
ATOM   377 H "H3'"  . DT A 1 12 ? 1.844   -14.646 8.359   1.00 0.83 ? 10 DT A "H3'"  1 
ATOM   378 H "H2'"  . DT A 1 12 ? -0.414  -14.785 8.391   1.00 0.78 ? 10 DT A "H2'"  1 
ATOM   379 H "H2''" . DT A 1 12 ? -0.407  -13.714 9.821   1.00 0.94 ? 10 DT A "H2''" 1 
ATOM   380 H "H1'"  . DT A 1 12 ? -0.963  -11.889 8.629   1.00 0.79 ? 10 DT A "H1'"  1 
ATOM   381 H H3     . DT A 1 12 ? -4.949  -12.245 6.680   1.00 0.52 ? 10 DT A H3     1 
ATOM   382 H H71    . DT A 1 12 ? -1.927  -16.329 4.855   1.00 0.67 ? 10 DT A H71    1 
ATOM   383 H H72    . DT A 1 12 ? -2.554  -15.291 3.552   1.00 1.11 ? 10 DT A H72    1 
ATOM   384 H H73    . DT A 1 12 ? -3.678  -16.243 4.550   1.00 0.88 ? 10 DT A H73    1 
ATOM   385 H H6     . DT A 1 12 ? -0.872  -14.730 6.182   1.00 0.54 ? 10 DT A H6     1 
ATOM   386 P P      . DG A 1 13 ? 2.135   -14.369 11.128  1.00 1.19 ? 11 DG A P      1 
ATOM   387 O OP1    . DG A 1 13 ? 3.364   -14.047 11.886  1.00 1.09 ? 11 DG A OP1    1 
ATOM   388 O OP2    . DG A 1 13 ? 1.947   -15.726 10.567  1.00 2.25 ? 11 DG A OP2    1 
ATOM   389 O "O5'"  . DG A 1 13 ? 0.864   -14.022 12.049  1.00 1.28 ? 11 DG A "O5'"  1 
ATOM   390 C "C5'"  . DG A 1 13 ? 0.787   -12.765 12.730  1.00 1.44 ? 11 DG A "C5'"  1 
ATOM   391 C "C4'"  . DG A 1 13 ? -0.543  -12.602 13.459  1.00 1.52 ? 11 DG A "C4'"  1 
ATOM   392 O "O4'"  . DG A 1 13 ? -1.618  -12.377 12.525  1.00 1.35 ? 11 DG A "O4'"  1 
ATOM   393 C "C3'"  . DG A 1 13 ? -0.869  -13.847 14.272  1.00 1.63 ? 11 DG A "C3'"  1 
ATOM   394 O "O3'"  . DG A 1 13 ? -0.821  -13.568 15.675  1.00 1.87 ? 11 DG A "O3'"  1 
ATOM   395 C "C2'"  . DG A 1 13 ? -2.254  -14.267 13.849  1.00 1.53 ? 11 DG A "C2'"  1 
ATOM   396 C "C1'"  . DG A 1 13 ? -2.721  -13.263 12.805  1.00 1.36 ? 11 DG A "C1'"  1 
ATOM   397 N N9     . DG A 1 13 ? -3.168  -13.939 11.572  1.00 1.18 ? 11 DG A N9     1 
ATOM   398 C C8     . DG A 1 13 ? -2.488  -14.770 10.743  1.00 1.11 ? 11 DG A C8     1 
ATOM   399 N N7     . DG A 1 13 ? -3.099  -15.198 9.689   1.00 0.99 ? 11 DG A N7     1 
ATOM   400 C C5     . DG A 1 13 ? -4.349  -14.587 9.818   1.00 0.97 ? 11 DG A C5     1 
ATOM   401 C C6     . DG A 1 13 ? -5.485  -14.659 8.970   1.00 0.90 ? 11 DG A C6     1 
ATOM   402 O O6     . DG A 1 13 ? -5.611  -15.278 7.916   1.00 0.88 ? 11 DG A O6     1 
ATOM   403 N N1     . DG A 1 13 ? -6.538  -13.896 9.463   1.00 0.93 ? 11 DG A N1     1 
ATOM   404 C C2     . DG A 1 13 ? -6.505  -13.153 10.627  1.00 1.01 ? 11 DG A C2     1 
ATOM   405 N N2     . DG A 1 13 ? -7.618  -12.488 10.939  1.00 1.03 ? 11 DG A N2     1 
ATOM   406 N N3     . DG A 1 13 ? -5.438  -13.078 11.428  1.00 1.09 ? 11 DG A N3     1 
ATOM   407 C C4     . DG A 1 13 ? -4.401  -13.815 10.968  1.00 1.07 ? 11 DG A C4     1 
ATOM   408 H "H5'"  . DG A 1 13 ? 0.897   -11.958 12.005  1.00 1.40 ? 11 DG A "H5'"  1 
ATOM   409 H "H5''" . DG A 1 13 ? 1.600   -12.703 13.455  1.00 1.59 ? 11 DG A "H5''" 1 
ATOM   410 H "H4'"  . DG A 1 13 ? -0.475  -11.747 14.132  1.00 1.66 ? 11 DG A "H4'"  1 
ATOM   411 H "H3'"  . DG A 1 13 ? -0.159  -14.639 14.026  1.00 1.61 ? 11 DG A "H3'"  1 
ATOM   412 H "HO3'" . DG A 1 13 ? -1.073  -14.371 16.134  1.00 1.76 ? 11 DG A "HO3'" 1 
ATOM   413 H "H2'"  . DG A 1 13 ? -2.222  -15.267 13.416  1.00 1.50 ? 11 DG A "H2'"  1 
ATOM   414 H "H2''" . DG A 1 13 ? -2.926  -14.254 14.707  1.00 1.64 ? 11 DG A "H2''" 1 
ATOM   415 H "H1'"  . DG A 1 13 ? -3.550  -12.684 13.215  1.00 1.41 ? 11 DG A "H1'"  1 
ATOM   416 H H8     . DG A 1 13 ? -1.463  -15.070 10.961  1.00 1.18 ? 11 DG A H8     1 
ATOM   417 H H1     . DG A 1 13 ? -7.385  -13.905 8.914   1.00 0.93 ? 11 DG A H1     1 
ATOM   418 H H21    . DG A 1 13 ? -8.426  -12.543 10.335  1.00 1.00 ? 11 DG A H21    1 
ATOM   419 H H22    . DG A 1 13 ? -7.654  -11.931 11.780  1.00 1.10 ? 11 DG A H22    1 
ATOM   420 O "O5'"  . DC B 2 1  ? -15.218 -16.105 7.682   1.00 2.04 ? 12 DC B "O5'"  1 
ATOM   421 C "C5'"  . DC B 2 1  ? -15.610 -15.678 8.989   1.00 1.68 ? 12 DC B "C5'"  1 
ATOM   422 C "C4'"  . DC B 2 1  ? -14.754 -14.513 9.475   1.00 1.53 ? 12 DC B "C4'"  1 
ATOM   423 O "O4'"  . DC B 2 1  ? -13.368 -14.895 9.547   1.00 1.48 ? 12 DC B "O4'"  1 
ATOM   424 C "C3'"  . DC B 2 1  ? -14.864 -13.321 8.531   1.00 1.34 ? 12 DC B "C3'"  1 
ATOM   425 O "O3'"  . DC B 2 1  ? -15.523 -12.226 9.183   1.00 1.39 ? 12 DC B "O3'"  1 
ATOM   426 C "C2'"  . DC B 2 1  ? -13.443 -12.977 8.159   1.00 1.21 ? 12 DC B "C2'"  1 
ATOM   427 C "C1'"  . DC B 2 1  ? -12.559 -13.816 9.060   1.00 1.29 ? 12 DC B "C1'"  1 
ATOM   428 N N1     . DC B 2 1  ? -11.375 -14.323 8.336   1.00 1.19 ? 12 DC B N1     1 
ATOM   429 C C2     . DC B 2 1  ? -10.142 -13.760 8.640   1.00 1.08 ? 12 DC B C2     1 
ATOM   430 O O2     . DC B 2 1  ? -10.060 -12.860 9.475   1.00 1.06 ? 12 DC B O2     1 
ATOM   431 N N3     . DC B 2 1  ? -9.042  -14.232 7.993   1.00 1.03 ? 12 DC B N3     1 
ATOM   432 C C4     . DC B 2 1  ? -9.143  -15.214 7.087   1.00 1.08 ? 12 DC B C4     1 
ATOM   433 N N4     . DC B 2 1  ? -8.042  -15.660 6.481   1.00 1.07 ? 12 DC B N4     1 
ATOM   434 C C5     . DC B 2 1  ? -10.411 -15.795 6.769   1.00 1.19 ? 12 DC B C5     1 
ATOM   435 C C6     . DC B 2 1  ? -11.495 -15.322 7.414   1.00 1.24 ? 12 DC B C6     1 
ATOM   436 H "H5'"  . DC B 2 1  ? -15.505 -16.511 9.682   1.00 1.76 ? 12 DC B "H5'"  1 
ATOM   437 H "H5''" . DC B 2 1  ? -16.654 -15.365 8.962   1.00 1.67 ? 12 DC B "H5''" 1 
ATOM   438 H "H4'"  . DC B 2 1  ? -15.082 -14.208 10.466  1.00 1.64 ? 12 DC B "H4'"  1 
ATOM   439 H "H3'"  . DC B 2 1  ? -15.416 -13.613 7.634   1.00 1.31 ? 12 DC B "H3'"  1 
ATOM   440 H "H2'"  . DC B 2 1  ? -13.264 -13.237 7.115   1.00 1.14 ? 12 DC B "H2'"  1 
ATOM   441 H "H2''" . DC B 2 1  ? -13.249 -11.917 8.321   1.00 1.17 ? 12 DC B "H2''" 1 
ATOM   442 H "H1'"  . DC B 2 1  ? -12.239 -13.210 9.905   1.00 1.32 ? 12 DC B "H1'"  1 
ATOM   443 H H41    . DC B 2 1  ? -7.144  -15.255 6.701   1.00 1.02 ? 12 DC B H41    1 
ATOM   444 H H42    . DC B 2 1  ? -8.106  -16.405 5.801   1.00 1.13 ? 12 DC B H42    1 
ATOM   445 H H5     . DC B 2 1  ? -10.496 -16.593 6.032   1.00 1.25 ? 12 DC B H5     1 
ATOM   446 H H6     . DC B 2 1  ? -12.477 -15.743 7.197   1.00 1.35 ? 12 DC B H6     1 
ATOM   447 H "HO5'" . DC B 2 1  ? -14.474 -15.561 7.415   1.00 2.44 ? 12 DC B "HO5'" 1 
ATOM   448 P P      . DA B 2 2  ? -15.583 -10.763 8.507   1.00 1.69 ? 13 DA B P      1 
ATOM   449 O OP1    . DA B 2 2  ? -16.686 -10.005 9.139   1.00 1.85 ? 13 DA B OP1    1 
ATOM   450 O OP2    . DA B 2 2  ? -15.548 -10.926 7.036   1.00 2.79 ? 13 DA B OP2    1 
ATOM   451 O "O5'"  . DA B 2 2  ? -14.189 -10.110 8.975   1.00 1.40 ? 13 DA B "O5'"  1 
ATOM   452 C "C5'"  . DA B 2 2  ? -13.954 -9.791  10.351  1.00 1.41 ? 13 DA B "C5'"  1 
ATOM   453 C "C4'"  . DA B 2 2  ? -12.605 -9.104  10.535  1.00 1.21 ? 13 DA B "C4'"  1 
ATOM   454 O "O4'"  . DA B 2 2  ? -11.528 -9.977  10.139  1.00 1.11 ? 13 DA B "O4'"  1 
ATOM   455 C "C3'"  . DA B 2 2  ? -12.525 -7.839  9.694   1.00 1.08 ? 13 DA B "C3'"  1 
ATOM   456 O "O3'"  . DA B 2 2  ? -12.505 -6.676  10.532  1.00 1.09 ? 13 DA B "O3'"  1 
ATOM   457 C "C2'"  . DA B 2 2  ? -11.255 -7.970  8.888   1.00 0.92 ? 13 DA B "C2'"  1 
ATOM   458 C "C1'"  . DA B 2 2  ? -10.572 -9.243  9.354   1.00 0.93 ? 13 DA B "C1'"  1 
ATOM   459 N N9     . DA B 2 2  ? -10.106 -10.048 8.207   1.00 0.84 ? 13 DA B N9     1 
ATOM   460 C C8     . DA B 2 2  ? -10.801 -10.511 7.139   1.00 0.87 ? 13 DA B C8     1 
ATOM   461 N N7     . DA B 2 2  ? -10.160 -11.223 6.274   1.00 0.81 ? 13 DA B N7     1 
ATOM   462 C C5     . DA B 2 2  ? -8.875  -11.242 6.822   1.00 0.71 ? 13 DA B C5     1 
ATOM   463 C C6     . DA B 2 2  ? -7.681  -11.831 6.403   1.00 0.62 ? 13 DA B C6     1 
ATOM   464 N N6     . DA B 2 2  ? -7.581  -12.560 5.292   1.00 0.63 ? 13 DA B N6     1 
ATOM   465 N N1     . DA B 2 2  ? -6.597  -11.650 7.178   1.00 0.56 ? 13 DA B N1     1 
ATOM   466 C C2     . DA B 2 2  ? -6.681  -10.934 8.300   1.00 0.60 ? 13 DA B C2     1 
ATOM   467 N N3     . DA B 2 2  ? -7.761  -10.335 8.791   1.00 0.69 ? 13 DA B N3     1 
ATOM   468 C C4     . DA B 2 2  ? -8.833  -10.528 7.997   1.00 0.73 ? 13 DA B C4     1 
ATOM   469 H "H5'"  . DA B 2 2  ? -13.971 -10.707 10.940  1.00 1.52 ? 13 DA B "H5'"  1 
ATOM   470 H "H5''" . DA B 2 2  ? -14.743 -9.126  10.703  1.00 1.49 ? 13 DA B "H5''" 1 
ATOM   471 H "H4'"  . DA B 2 2  ? -12.473 -8.839  11.583  1.00 1.27 ? 13 DA B "H4'"  1 
ATOM   472 H "H3'"  . DA B 2 2  ? -13.380 -7.796  9.015   1.00 1.13 ? 13 DA B "H3'"  1 
ATOM   473 H "H2'"  . DA B 2 2  ? -11.500 -8.046  7.829   1.00 0.89 ? 13 DA B "H2'"  1 
ATOM   474 H "H2''" . DA B 2 2  ? -10.607 -7.112  9.060   1.00 0.88 ? 13 DA B "H2''" 1 
ATOM   475 H "H1'"  . DA B 2 2  ? -9.724  -8.983  9.984   1.00 0.91 ? 13 DA B "H1'"  1 
ATOM   476 H H8     . DA B 2 2  ? -11.858 -10.283 7.012   1.00 0.97 ? 13 DA B H8     1 
ATOM   477 H H61    . DA B 2 2  ? -6.693  -12.966 5.031   1.00 0.60 ? 13 DA B H61    1 
ATOM   478 H H62    . DA B 2 2  ? -8.393  -12.708 4.711   1.00 0.71 ? 13 DA B H62    1 
ATOM   479 H H2     . DA B 2 2  ? -5.764  -10.830 8.880   1.00 0.58 ? 13 DA B H2     1 
ATOM   480 P P      . DT B 2 3  ? -12.246 -5.211  9.917   1.00 1.03 ? 14 DT B P      1 
ATOM   481 O OP1    . DT B 2 3  ? -12.819 -4.208  10.845  1.00 1.89 ? 14 DT B OP1    1 
ATOM   482 O OP2    . DT B 2 3  ? -12.661 -5.223  8.495   1.00 1.40 ? 14 DT B OP2    1 
ATOM   483 O "O5'"  . DT B 2 3  ? -10.641 -5.101  9.976   1.00 0.91 ? 14 DT B "O5'"  1 
ATOM   484 C "C5'"  . DT B 2 3  ? -9.930  -5.495  11.157  1.00 0.90 ? 14 DT B "C5'"  1 
ATOM   485 C "C4'"  . DT B 2 3  ? -8.433  -5.624  10.890  1.00 0.77 ? 14 DT B "C4'"  1 
ATOM   486 O "O4'"  . DT B 2 3  ? -8.151  -6.752  10.033  1.00 0.67 ? 14 DT B "O4'"  1 
ATOM   487 C "C3'"  . DT B 2 3  ? -7.895  -4.371  10.210  1.00 0.77 ? 14 DT B "C3'"  1 
ATOM   488 O "O3'"  . DT B 2 3  ? -6.932  -3.716  11.052  1.00 0.82 ? 14 DT B "O3'"  1 
ATOM   489 C "C2'"  . DT B 2 3  ? -7.272  -4.852  8.921   1.00 0.66 ? 14 DT B "C2'"  1 
ATOM   490 C "C1'"  . DT B 2 3  ? -7.215  -6.356  9.010   1.00 0.58 ? 14 DT B "C1'"  1 
ATOM   491 N N1     . DT B 2 3  ? -7.529  -7.003  7.714   1.00 0.53 ? 14 DT B N1     1 
ATOM   492 C C2     . DT B 2 3  ? -6.567  -7.839  7.174   1.00 0.43 ? 14 DT B C2     1 
ATOM   493 O O2     . DT B 2 3  ? -5.476  -8.021  7.711   1.00 0.40 ? 14 DT B O2     1 
ATOM   494 N N3     . DT B 2 3  ? -6.902  -8.464  5.991   1.00 0.42 ? 14 DT B N3     1 
ATOM   495 C C4     . DT B 2 3  ? -8.094  -8.331  5.305   1.00 0.50 ? 14 DT B C4     1 
ATOM   496 O O4     . DT B 2 3  ? -8.285  -8.951  4.261   1.00 0.52 ? 14 DT B O4     1 
ATOM   497 C C5     . DT B 2 3  ? -9.037  -7.435  5.936   1.00 0.59 ? 14 DT B C5     1 
ATOM   498 C C7     . DT B 2 3  ? -10.395 -7.195  5.280   1.00 0.72 ? 14 DT B C7     1 
ATOM   499 C C6     . DT B 2 3  ? -8.736  -6.809  7.095   1.00 0.60 ? 14 DT B C6     1 
ATOM   500 H "H5'"  . DT B 2 3  ? -10.313 -6.457  11.501  1.00 0.94 ? 14 DT B "H5'"  1 
ATOM   501 H "H5''" . DT B 2 3  ? -10.090 -4.748  11.936  1.00 0.98 ? 14 DT B "H5''" 1 
ATOM   502 H "H4'"  . DT B 2 3  ? -7.914  -5.764  11.839  1.00 0.79 ? 14 DT B "H4'"  1 
ATOM   503 H "H3'"  . DT B 2 3  ? -8.720  -3.692  9.985   1.00 0.85 ? 14 DT B "H3'"  1 
ATOM   504 H "H2'"  . DT B 2 3  ? -7.885  -4.546  8.073   1.00 0.66 ? 14 DT B "H2'"  1 
ATOM   505 H "H2''" . DT B 2 3  ? -6.266  -4.461  8.819   1.00 0.65 ? 14 DT B "H2''" 1 
ATOM   506 H "H1'"  . DT B 2 3  ? -6.210  -6.637  9.314   1.00 0.54 ? 14 DT B "H1'"  1 
ATOM   507 H H3     . DT B 2 3  ? -6.204  -9.066  5.580   1.00 0.38 ? 14 DT B H3     1 
ATOM   508 H H71    . DT B 2 3  ? -11.120 -6.900  6.039   1.00 1.21 ? 14 DT B H71    1 
ATOM   509 H H72    . DT B 2 3  ? -10.731 -8.112  4.795   1.00 1.18 ? 14 DT B H72    1 
ATOM   510 H H73    . DT B 2 3  ? -10.304 -6.403  4.537   1.00 1.08 ? 14 DT B H73    1 
ATOM   511 H H6     . DT B 2 3  ? -9.460  -6.127  7.539   1.00 0.70 ? 14 DT B H6     1 
ATOM   512 P P      . DG B 2 4  ? -5.995  -2.527  10.492  1.00 1.45 ? 15 DG B P      1 
ATOM   513 O OP1    . DG B 2 4  ? -5.518  -1.730  11.645  1.00 2.02 ? 15 DG B OP1    1 
ATOM   514 O OP2    . DG B 2 4  ? -6.703  -1.859  9.377   1.00 2.51 ? 15 DG B OP2    1 
ATOM   515 O "O5'"  . DG B 2 4  ? -4.741  -3.333  9.883   1.00 1.02 ? 15 DG B "O5'"  1 
ATOM   516 C "C5'"  . DG B 2 4  ? -3.697  -3.816  10.735  1.00 0.94 ? 15 DG B "C5'"  1 
ATOM   517 C "C4'"  . DG B 2 4  ? -2.380  -3.959  9.979   1.00 0.80 ? 15 DG B "C4'"  1 
ATOM   518 O "O4'"  . DG B 2 4  ? -2.477  -4.984  8.965   1.00 0.71 ? 15 DG B "O4'"  1 
ATOM   519 C "C3'"  . DG B 2 4  ? -2.016  -2.651  9.297   1.00 0.81 ? 15 DG B "C3'"  1 
ATOM   520 O "O3'"  . DG B 2 4  ? -0.686  -2.247  9.649   1.00 0.87 ? 15 DG B "O3'"  1 
ATOM   521 C "C2'"  . DG B 2 4  ? -2.136  -2.921  7.820   1.00 0.74 ? 15 DG B "C2'"  1 
ATOM   522 C "C1'"  . DG B 2 4  ? -2.288  -4.413  7.653   1.00 0.66 ? 15 DG B "C1'"  1 
ATOM   523 N N9     . DG B 2 4  ? -3.432  -4.715  6.777   1.00 0.60 ? 15 DG B N9     1 
ATOM   524 C C8     . DG B 2 4  ? -4.701  -4.258  6.841   1.00 0.61 ? 15 DG B C8     1 
ATOM   525 N N7     . DG B 2 4  ? -5.536  -4.675  5.950   1.00 0.56 ? 15 DG B N7     1 
ATOM   526 C C5     . DG B 2 4  ? -4.730  -5.520  5.183   1.00 0.52 ? 15 DG B C5     1 
ATOM   527 C C6     . DG B 2 4  ? -5.054  -6.290  4.036   1.00 0.47 ? 15 DG B C6     1 
ATOM   528 O O6     . DG B 2 4  ? -6.140  -6.392  3.467   1.00 0.47 ? 15 DG B O6     1 
ATOM   529 N N1     . DG B 2 4  ? -3.952  -6.994  3.568   1.00 0.47 ? 15 DG B N1     1 
ATOM   530 C C2     . DG B 2 4  ? -2.691  -6.965  4.132   1.00 0.49 ? 15 DG B C2     1 
ATOM   531 N N2     . DG B 2 4  ? -1.756  -7.706  3.536   1.00 0.50 ? 15 DG B N2     1 
ATOM   532 N N3     . DG B 2 4  ? -2.379  -6.244  5.212   1.00 0.53 ? 15 DG B N3     1 
ATOM   533 C C4     . DG B 2 4  ? -3.437  -5.549  5.684   1.00 0.54 ? 15 DG B C4     1 
ATOM   534 H "H5'"  . DG B 2 4  ? -3.985  -4.788  11.137  1.00 1.00 ? 15 DG B "H5'"  1 
ATOM   535 H "H5''" . DG B 2 4  ? -3.558  -3.117  11.561  1.00 0.98 ? 15 DG B "H5''" 1 
ATOM   536 H "H4'"  . DG B 2 4  ? -1.592  -4.224  10.679  1.00 0.80 ? 15 DG B "H4'"  1 
ATOM   537 H "H3'"  . DG B 2 4  ? -2.730  -1.876  9.585   1.00 0.89 ? 15 DG B "H3'"  1 
ATOM   538 H "H2'"  . DG B 2 4  ? -3.017  -2.426  7.426   1.00 0.74 ? 15 DG B "H2'"  1 
ATOM   539 H "H2''" . DG B 2 4  ? -1.245  -2.579  7.297   1.00 0.77 ? 15 DG B "H2''" 1 
ATOM   540 H "H1'"  . DG B 2 4  ? -1.383  -4.808  7.209   1.00 0.64 ? 15 DG B "H1'"  1 
ATOM   541 H H8     . DG B 2 4  ? -4.998  -3.545  7.609   1.00 0.67 ? 15 DG B H8     1 
ATOM   542 H H1     . DG B 2 4  ? -4.105  -7.563  2.748   1.00 0.46 ? 15 DG B H1     1 
ATOM   543 H H21    . DG B 2 4  ? -1.989  -8.247  2.716   1.00 0.50 ? 15 DG B H21    1 
ATOM   544 H H22    . DG B 2 4  ? -0.815  -7.722  3.902   1.00 0.53 ? 15 DG B H22    1 
ATOM   545 P P      . DC B 2 5  ? 0.024   -0.996  8.919   1.00 1.06 ? 16 DC B P      1 
ATOM   546 O OP1    . DC B 2 5  ? 1.198   -0.594  9.727   1.00 1.72 ? 16 DC B OP1    1 
ATOM   547 O OP2    . DC B 2 5  ? -1.018  0.001   8.585   1.00 1.89 ? 16 DC B OP2    1 
ATOM   548 O "O5'"  . DC B 2 5  ? 0.555   -1.650  7.545   1.00 0.95 ? 16 DC B "O5'"  1 
ATOM   549 C "C5'"  . DC B 2 5  ? 1.615   -2.610  7.560   1.00 1.00 ? 16 DC B "C5'"  1 
ATOM   550 C "C4'"  . DC B 2 5  ? 1.905   -3.155  6.162   1.00 0.93 ? 16 DC B "C4'"  1 
ATOM   551 O "O4'"  . DC B 2 5  ? 0.754   -3.848  5.634   1.00 0.82 ? 16 DC B "O4'"  1 
ATOM   552 C "C3'"  . DC B 2 5  ? 2.265   -2.031  5.193   1.00 0.90 ? 16 DC B "C3'"  1 
ATOM   553 O "O3'"  . DC B 2 5  ? 3.626   -2.150  4.749   1.00 0.95 ? 16 DC B "O3'"  1 
ATOM   554 C "C2'"  . DC B 2 5  ? 1.303   -2.169  4.038   1.00 0.82 ? 16 DC B "C2'"  1 
ATOM   555 C "C1'"  . DC B 2 5  ? 0.531   -3.454  4.267   1.00 0.77 ? 16 DC B "C1'"  1 
ATOM   556 N N1     . DC B 2 5  ? -0.912  -3.272  3.990   1.00 0.69 ? 16 DC B N1     1 
ATOM   557 C C2     . DC B 2 5  ? -1.496  -4.119  3.058   1.00 0.63 ? 16 DC B C2     1 
ATOM   558 O O2     . DC B 2 5  ? -0.818  -4.964  2.476   1.00 0.66 ? 16 DC B O2     1 
ATOM   559 N N3     . DC B 2 5  ? -2.825  -3.977  2.799   1.00 0.57 ? 16 DC B N3     1 
ATOM   560 C C4     . DC B 2 5  ? -3.552  -3.045  3.426   1.00 0.57 ? 16 DC B C4     1 
ATOM   561 N N4     . DC B 2 5  ? -4.853  -2.937  3.149   1.00 0.52 ? 16 DC B N4     1 
ATOM   562 C C5     . DC B 2 5  ? -2.957  -2.168  4.386   1.00 0.63 ? 16 DC B C5     1 
ATOM   563 C C6     . DC B 2 5  ? -1.641  -2.315  4.637   1.00 0.69 ? 16 DC B C6     1 
ATOM   564 H "H5'"  . DC B 2 5  ? 1.335   -3.439  8.210   1.00 1.04 ? 16 DC B "H5'"  1 
ATOM   565 H "H5''" . DC B 2 5  ? 2.516   -2.140  7.953   1.00 1.10 ? 16 DC B "H5''" 1 
ATOM   566 H "H4'"  . DC B 2 5  ? 2.741   -3.853  6.219   1.00 1.01 ? 16 DC B "H4'"  1 
ATOM   567 H "H3'"  . DC B 2 5  ? 2.113   -1.064  5.678   1.00 0.90 ? 16 DC B "H3'"  1 
ATOM   568 H "H2'"  . DC B 2 5  ? 0.620   -1.319  4.022   1.00 0.80 ? 16 DC B "H2'"  1 
ATOM   569 H "H2''" . DC B 2 5  ? 1.850   -2.226  3.097   1.00 0.84 ? 16 DC B "H2''" 1 
ATOM   570 H "H1'"  . DC B 2 5  ? 0.927   -4.225  3.606   1.00 0.78 ? 16 DC B "H1'"  1 
ATOM   571 H H41    . DC B 2 5  ? -5.279  -3.551  2.470   1.00 0.49 ? 16 DC B H41    1 
ATOM   572 H H42    . DC B 2 5  ? -5.412  -2.238  3.617   1.00 0.53 ? 16 DC B H42    1 
ATOM   573 H H5     . DC B 2 5  ? -3.544  -1.404  4.894   1.00 0.65 ? 16 DC B H5     1 
ATOM   574 H H6     . DC B 2 5  ? -1.154  -1.661  5.359   1.00 0.75 ? 16 DC B H6     1 
ATOM   575 P P      . DC B 2 6  ? 4.271   -1.062  3.746   1.00 0.98 ? 17 DC B P      1 
ATOM   576 O OP1    . DC B 2 6  ? 5.736   -1.048  3.956   1.00 1.40 ? 17 DC B OP1    1 
ATOM   577 O OP2    . DC B 2 6  ? 3.498   0.196   3.861   1.00 1.84 ? 17 DC B OP2    1 
ATOM   578 O "O5'"  . DC B 2 6  ? 3.976   -1.700  2.297   1.00 0.95 ? 17 DC B "O5'"  1 
ATOM   579 C "C5'"  . DC B 2 6  ? 4.704   -2.848  1.846   1.00 0.97 ? 17 DC B "C5'"  1 
ATOM   580 C "C4'"  . DC B 2 6  ? 4.158   -3.372  0.524   1.00 0.95 ? 17 DC B "C4'"  1 
ATOM   581 O "O4'"  . DC B 2 6  ? 2.748   -3.672  0.627   1.00 0.92 ? 17 DC B "O4'"  1 
ATOM   582 C "C3'"  . DC B 2 6  ? 4.346   -2.337  -0.571  1.00 0.94 ? 17 DC B "C3'"  1 
ATOM   583 O "O3'"  . DC B 2 6  ? 5.031   -2.925  -1.682  1.00 0.96 ? 17 DC B "O3'"  1 
ATOM   584 C "C2'"  . DC B 2 6  ? 2.957   -1.890  -0.948  1.00 0.91 ? 17 DC B "C2'"  1 
ATOM   585 C "C1'"  . DC B 2 6  ? 2.009   -2.924  -0.360  1.00 0.90 ? 17 DC B "C1'"  1 
ATOM   586 N N1     . DC B 2 6  ? 0.821   -2.296  0.253   1.00 0.87 ? 17 DC B N1     1 
ATOM   587 C C2     . DC B 2 6  ? -0.408  -2.873  -0.016  1.00 0.86 ? 17 DC B C2     1 
ATOM   588 O O2     . DC B 2 6  ? -0.481  -3.863  -0.739  1.00 0.86 ? 17 DC B O2     1 
ATOM   589 N N3     . DC B 2 6  ? -1.516  -2.313  0.535   1.00 0.84 ? 17 DC B N3     1 
ATOM   590 C C4     . DC B 2 6  ? -1.429  -1.235  1.316   1.00 0.84 ? 17 DC B C4     1 
ATOM   591 N N4     . DC B 2 6  ? -2.546  -0.713  1.821   1.00 0.83 ? 17 DC B N4     1 
ATOM   592 C C5     . DC B 2 6  ? -0.164  -0.633  1.603   1.00 0.86 ? 17 DC B C5     1 
ATOM   593 C C6     . DC B 2 6  ? 0.931   -1.193  1.055   1.00 0.87 ? 17 DC B C6     1 
ATOM   594 H "H5'"  . DC B 2 6  ? 4.639   -3.633  2.600   1.00 0.98 ? 17 DC B "H5'"  1 
ATOM   595 H "H5''" . DC B 2 6  ? 5.749   -2.572  1.706   1.00 1.01 ? 17 DC B "H5''" 1 
ATOM   596 H "H4'"  . DC B 2 6  ? 4.693   -4.281  0.251   1.00 0.97 ? 17 DC B "H4'"  1 
ATOM   597 H "H3'"  . DC B 2 6  ? 4.912   -1.489  -0.184  1.00 0.95 ? 17 DC B "H3'"  1 
ATOM   598 H "H2'"  . DC B 2 6  ? 2.754   -0.910  -0.519  1.00 0.91 ? 17 DC B "H2'"  1 
ATOM   599 H "H2''" . DC B 2 6  ? 2.849   -1.848  -2.030  1.00 0.91 ? 17 DC B "H2''" 1 
ATOM   600 H "H1'"  . DC B 2 6  ? 1.685   -3.603  -1.152  1.00 0.89 ? 17 DC B "H1'"  1 
ATOM   601 H H41    . DC B 2 6  ? -3.440  -1.142  1.618   1.00 0.83 ? 17 DC B H41    1 
ATOM   602 H H42    . DC B 2 6  ? -2.500  0.109   2.406   1.00 0.83 ? 17 DC B H42    1 
ATOM   603 H H5     . DC B 2 6  ? -0.087  0.246   2.243   1.00 0.86 ? 17 DC B H5     1 
ATOM   604 H H6     . DC B 2 6  ? 1.913   -0.772  1.267   1.00 0.89 ? 17 DC B H6     1 
ATOM   605 P P      . DG B 2 7  ? 6.102   -2.088  -2.545  1.00 0.94 ? 18 DG B P      1 
ATOM   606 O OP1    . DG B 2 7  ? 7.027   -3.049  -3.187  1.00 2.16 ? 18 DG B OP1    1 
ATOM   607 O OP2    . DG B 2 7  ? 6.639   -0.992  -1.706  1.00 0.70 ? 18 DG B OP2    1 
ATOM   608 O "O5'"  . DG B 2 7  ? 5.176   -1.446  -3.689  1.00 0.89 ? 18 DG B "O5'"  1 
ATOM   609 C "C5'"  . DG B 2 7  ? 4.174   -2.241  -4.336  1.00 0.93 ? 18 DG B "C5'"  1 
ATOM   610 C "C4'"  . DG B 2 7  ? 3.329   -1.400  -5.281  1.00 0.94 ? 18 DG B "C4'"  1 
ATOM   611 O "O4'"  . DG B 2 7  ? 2.724   -0.285  -4.581  1.00 0.93 ? 18 DG B "O4'"  1 
ATOM   612 C "C3'"  . DG B 2 7  ? 4.193   -0.838  -6.393  1.00 0.88 ? 18 DG B "C3'"  1 
ATOM   613 O "O3'"  . DG B 2 7  ? 3.559   -1.036  -7.662  1.00 0.95 ? 18 DG B "O3'"  1 
ATOM   614 C "C2'"  . DG B 2 7  ? 4.352   0.628   -6.068  1.00 0.82 ? 18 DG B "C2'"  1 
ATOM   615 C "C1'"  . DG B 2 7  ? 3.248   0.966   -5.083  1.00 0.85 ? 18 DG B "C1'"  1 
ATOM   616 N N9     . DG B 2 7  ? 3.743   1.807   -3.970  1.00 0.80 ? 18 DG B N9     1 
ATOM   617 C C8     . DG B 2 7  ? 4.748   1.576   -3.086  1.00 0.80 ? 18 DG B C8     1 
ATOM   618 N N7     . DG B 2 7  ? 4.930   2.444   -2.146  1.00 0.78 ? 18 DG B N7     1 
ATOM   619 C C5     . DG B 2 7  ? 3.932   3.380   -2.425  1.00 0.76 ? 18 DG B C5     1 
ATOM   620 C C6     . DG B 2 7  ? 3.601   4.583   -1.747  1.00 0.74 ? 18 DG B C6     1 
ATOM   621 O O6     . DG B 2 7  ? 4.120   5.057   -0.739  1.00 0.76 ? 18 DG B O6     1 
ATOM   622 N N1     . DG B 2 7  ? 2.533   5.232   -2.353  1.00 0.72 ? 18 DG B N1     1 
ATOM   623 C C2     . DG B 2 7  ? 1.861   4.785   -3.475  1.00 0.73 ? 18 DG B C2     1 
ATOM   624 N N2     . DG B 2 7  ? 0.871   5.560   -3.919  1.00 0.72 ? 18 DG B N2     1 
ATOM   625 N N3     . DG B 2 7  ? 2.163   3.652   -4.115  1.00 0.76 ? 18 DG B N3     1 
ATOM   626 C C4     . DG B 2 7  ? 3.202   3.000   -3.542  1.00 0.76 ? 18 DG B C4     1 
ATOM   627 H "H5'"  . DG B 2 7  ? 3.526   -2.688  -3.581  1.00 0.98 ? 18 DG B "H5'"  1 
ATOM   628 H "H5''" . DG B 2 7  ? 4.660   -3.036  -4.903  1.00 0.94 ? 18 DG B "H5''" 1 
ATOM   629 H "H4'"  . DG B 2 7  ? 2.545   -2.021  -5.713  1.00 1.01 ? 18 DG B "H4'"  1 
ATOM   630 H "H3'"  . DG B 2 7  ? 5.171   -1.326  -6.383  1.00 0.85 ? 18 DG B "H3'"  1 
ATOM   631 H "H2'"  . DG B 2 7  ? 5.326   0.798   -5.609  1.00 0.77 ? 18 DG B "H2'"  1 
ATOM   632 H "H2''" . DG B 2 7  ? 4.251   1.232   -6.970  1.00 0.83 ? 18 DG B "H2''" 1 
ATOM   633 H "H1'"  . DG B 2 7  ? 2.455   1.500   -5.606  1.00 0.87 ? 18 DG B "H1'"  1 
ATOM   634 H H8     . DG B 2 7  ? 5.385   0.696   -3.172  1.00 0.82 ? 18 DG B H8     1 
ATOM   635 H H1     . DG B 2 7  ? 2.235   6.093   -1.919  1.00 0.71 ? 18 DG B H1     1 
ATOM   636 H H21    . DG B 2 7  ? 0.643   6.416   -3.435  1.00 0.70 ? 18 DG B H21    1 
ATOM   637 H H22    . DG B 2 7  ? 0.352   5.291   -4.743  1.00 0.75 ? 18 DG B H22    1 
ATOM   638 P P      . DC B 2 8  ? 4.172   -0.401  -9.005  1.00 1.28 ? 19 DC B P      1 
ATOM   639 O OP1    . DC B 2 8  ? 3.585   -1.108  -10.165 1.00 1.95 ? 19 DC B OP1    1 
ATOM   640 O OP2    . DC B 2 8  ? 5.642   -0.322  -8.852  1.00 2.29 ? 19 DC B OP2    1 
ATOM   641 O "O5'"  . DC B 2 8  ? 3.580   1.094   -8.972  1.00 1.09 ? 19 DC B "O5'"  1 
ATOM   642 C "C5'"  . DC B 2 8  ? 2.194   1.333   -9.242  1.00 1.06 ? 19 DC B "C5'"  1 
ATOM   643 C "C4'"  . DC B 2 8  ? 1.893   2.825   -9.298  1.00 0.88 ? 19 DC B "C4'"  1 
ATOM   644 O "O4'"  . DC B 2 8  ? 2.115   3.445   -8.010  1.00 0.82 ? 19 DC B "O4'"  1 
ATOM   645 C "C3'"  . DC B 2 8  ? 2.799   3.505   -10.315 1.00 0.82 ? 19 DC B "C3'"  1 
ATOM   646 O "O3'"  . DC B 2 8  ? 2.020   4.170   -11.319 1.00 0.86 ? 19 DC B "O3'"  1 
ATOM   647 C "C2'"  . DC B 2 8  ? 3.635   4.478   -9.522  1.00 0.71 ? 19 DC B "C2'"  1 
ATOM   648 C "C1'"  . DC B 2 8  ? 2.974   4.593   -8.161  1.00 0.70 ? 19 DC B "C1'"  1 
ATOM   649 N N1     . DC B 2 8  ? 3.974   4.656   -7.069  1.00 0.68 ? 19 DC B N1     1 
ATOM   650 C C2     . DC B 2 8  ? 3.822   5.662   -6.125  1.00 0.65 ? 19 DC B C2     1 
ATOM   651 O O2     . DC B 2 8  ? 2.909   6.479   -6.232  1.00 0.64 ? 19 DC B O2     1 
ATOM   652 N N3     . DC B 2 8  ? 4.710   5.723   -5.095  1.00 0.65 ? 19 DC B N3     1 
ATOM   653 C C4     . DC B 2 8  ? 5.708   4.835   -4.992  1.00 0.66 ? 19 DC B C4     1 
ATOM   654 N N4     . DC B 2 8  ? 6.553   4.921   -3.963  1.00 0.67 ? 19 DC B N4     1 
ATOM   655 C C5     . DC B 2 8  ? 5.871   3.797   -5.964  1.00 0.69 ? 19 DC B C5     1 
ATOM   656 C C6     . DC B 2 8  ? 4.988   3.745   -6.981  1.00 0.70 ? 19 DC B C6     1 
ATOM   657 H "H5'"  . DC B 2 8  ? 1.591   0.875   -8.459  1.00 1.16 ? 19 DC B "H5'"  1 
ATOM   658 H "H5''" . DC B 2 8  ? 1.937   0.882   -10.201 1.00 1.15 ? 19 DC B "H5''" 1 
ATOM   659 H "H4'"  . DC B 2 8  ? 0.853   2.971   -9.591  1.00 0.93 ? 19 DC B "H4'"  1 
ATOM   660 H "H3'"  . DC B 2 8  ? 3.450   2.762   -10.781 1.00 0.93 ? 19 DC B "H3'"  1 
ATOM   661 H "H2'"  . DC B 2 8  ? 4.645   4.083   -9.413  1.00 0.72 ? 19 DC B "H2'"  1 
ATOM   662 H "H2''" . DC B 2 8  ? 3.662   5.450   -10.012 1.00 0.66 ? 19 DC B "H2''" 1 
ATOM   663 H "H1'"  . DC B 2 8  ? 2.365   5.498   -8.140  1.00 0.68 ? 19 DC B "H1'"  1 
ATOM   664 H H41    . DC B 2 8  ? 6.440   5.652   -3.274  1.00 0.67 ? 19 DC B H41    1 
ATOM   665 H H42    . DC B 2 8  ? 7.306   4.254   -3.870  1.00 0.69 ? 19 DC B H42    1 
ATOM   666 H H5     . DC B 2 8  ? 6.684   3.073   -5.885  1.00 0.72 ? 19 DC B H5     1 
ATOM   667 H H6     . DC B 2 8  ? 5.089   2.974   -7.744  1.00 0.74 ? 19 DC B H6     1 
ATOM   668 P P      . DG B 2 9  ? 2.718   5.090   -12.442 1.00 1.07 ? 20 DG B P      1 
ATOM   669 O OP1    . DG B 2 9  ? 1.861   5.081   -13.649 1.00 2.12 ? 20 DG B OP1    1 
ATOM   670 O OP2    . DG B 2 9  ? 4.144   4.702   -12.545 1.00 1.59 ? 20 DG B OP2    1 
ATOM   671 O "O5'"  . DG B 2 9  ? 2.641   6.549   -11.771 1.00 0.89 ? 20 DG B "O5'"  1 
ATOM   672 C "C5'"  . DG B 2 9  ? 1.424   7.003   -11.167 1.00 0.85 ? 20 DG B "C5'"  1 
ATOM   673 C "C4'"  . DG B 2 9  ? 1.567   8.417   -10.613 1.00 0.70 ? 20 DG B "C4'"  1 
ATOM   674 O "O4'"  . DG B 2 9  ? 2.238   8.406   -9.332  1.00 0.68 ? 20 DG B "O4'"  1 
ATOM   675 C "C3'"  . DG B 2 9  ? 2.381   9.280   -11.566 1.00 0.68 ? 20 DG B "C3'"  1 
ATOM   676 O "O3'"  . DG B 2 9  ? 1.683   10.496  -11.860 1.00 0.74 ? 20 DG B "O3'"  1 
ATOM   677 C "C2'"  . DG B 2 9  ? 3.680   9.544   -10.844 1.00 0.60 ? 20 DG B "C2'"  1 
ATOM   678 C "C1'"  . DG B 2 9  ? 3.414   9.239   -9.382  1.00 0.55 ? 20 DG B "C1'"  1 
ATOM   679 N N9     . DG B 2 9  ? 4.561   8.562   -8.742  1.00 0.50 ? 20 DG B N9     1 
ATOM   680 C C8     . DG B 2 9  ? 5.296   7.506   -9.170  1.00 0.53 ? 20 DG B C8     1 
ATOM   681 N N7     . DG B 2 9  ? 6.207   7.050   -8.375  1.00 0.56 ? 20 DG B N7     1 
ATOM   682 C C5     . DG B 2 9  ? 6.077   7.902   -7.275  1.00 0.50 ? 20 DG B C5     1 
ATOM   683 C C6     . DG B 2 9  ? 6.799   7.926   -6.051  1.00 0.52 ? 20 DG B C6     1 
ATOM   684 O O6     . DG B 2 9  ? 7.705   7.181   -5.684  1.00 0.59 ? 20 DG B O6     1 
ATOM   685 N N1     . DG B 2 9  ? 6.355   8.947   -5.219  1.00 0.51 ? 20 DG B N1     1 
ATOM   686 C C2     . DG B 2 9  ? 5.343   9.837   -5.522  1.00 0.54 ? 20 DG B C2     1 
ATOM   687 N N2     . DG B 2 9  ? 5.070   10.761  -4.601  1.00 0.62 ? 20 DG B N2     1 
ATOM   688 N N3     . DG B 2 9  ? 4.658   9.817   -6.667  1.00 0.54 ? 20 DG B N3     1 
ATOM   689 C C4     . DG B 2 9  ? 5.073   8.832   -7.494  1.00 0.49 ? 20 DG B C4     1 
ATOM   690 H "H5'"  . DG B 2 9  ? 1.157   6.328   -10.353 1.00 0.95 ? 20 DG B "H5'"  1 
ATOM   691 H "H5''" . DG B 2 9  ? 0.629   6.993   -11.914 1.00 0.93 ? 20 DG B "H5''" 1 
ATOM   692 H "H4'"  . DG B 2 9  ? 0.578   8.854   -10.493 1.00 0.76 ? 20 DG B "H4'"  1 
ATOM   693 H "H3'"  . DG B 2 9  ? 2.578   8.727   -12.487 1.00 0.80 ? 20 DG B "H3'"  1 
ATOM   694 H "H2'"  . DG B 2 9  ? 4.453   8.879   -11.230 1.00 0.64 ? 20 DG B "H2'"  1 
ATOM   695 H "H2''" . DG B 2 9  ? 3.983   10.583  -10.966 1.00 0.66 ? 20 DG B "H2''" 1 
ATOM   696 H "H1'"  . DG B 2 9  ? 3.213   10.173  -8.856  1.00 0.60 ? 20 DG B "H1'"  1 
ATOM   697 H H8     . DG B 2 9  ? 5.138   7.074   -10.158 1.00 0.56 ? 20 DG B H8     1 
ATOM   698 H H1     . DG B 2 9  ? 6.824   9.028   -4.329  1.00 0.53 ? 20 DG B H1     1 
ATOM   699 H H21    . DG B 2 9  ? 5.587   10.778  -3.734  1.00 0.63 ? 20 DG B H21    1 
ATOM   700 H H22    . DG B 2 9  ? 4.349   11.446  -4.772  1.00 0.70 ? 20 DG B H22    1 
ATOM   701 P P      . DA B 2 10 ? 2.387   11.668  -12.711 1.00 1.38 ? 21 DA B P      1 
ATOM   702 O OP1    . DA B 2 10 ? 1.334   12.588  -13.194 1.00 1.99 ? 21 DA B OP1    1 
ATOM   703 O OP2    . DA B 2 10 ? 3.324   11.046  -13.674 1.00 2.38 ? 21 DA B OP2    1 
ATOM   704 O "O5'"  . DA B 2 10 ? 3.253   12.428  -11.589 1.00 1.38 ? 21 DA B "O5'"  1 
ATOM   705 C "C5'"  . DA B 2 10 ? 2.626   13.275  -10.619 1.00 1.52 ? 21 DA B "C5'"  1 
ATOM   706 C "C4'"  . DA B 2 10 ? 3.664   13.943  -9.728  1.00 1.44 ? 21 DA B "C4'"  1 
ATOM   707 O "O4'"  . DA B 2 10 ? 4.350   12.969  -8.916  1.00 1.18 ? 21 DA B "O4'"  1 
ATOM   708 C "C3'"  . DA B 2 10 ? 4.705   14.664  -10.575 1.00 1.52 ? 21 DA B "C3'"  1 
ATOM   709 O "O3'"  . DA B 2 10 ? 4.608   16.085  -10.409 1.00 1.76 ? 21 DA B "O3'"  1 
ATOM   710 C "C2'"  . DA B 2 10 ? 6.038   14.134  -10.108 1.00 1.33 ? 21 DA B "C2'"  1 
ATOM   711 C "C1'"  . DA B 2 10 ? 5.752   13.286  -8.884  1.00 1.11 ? 21 DA B "C1'"  1 
ATOM   712 N N9     . DA B 2 10 ? 6.575   12.064  -8.886  1.00 0.88 ? 21 DA B N9     1 
ATOM   713 C C8     . DA B 2 10 ? 6.775   11.169  -9.880  1.00 0.84 ? 21 DA B C8     1 
ATOM   714 N N7     . DA B 2 10 ? 7.560   10.174  -9.641  1.00 0.77 ? 21 DA B N7     1 
ATOM   715 C C5     . DA B 2 10 ? 7.939   10.428  -8.321  1.00 0.69 ? 21 DA B C5     1 
ATOM   716 C C6     . DA B 2 10 ? 8.780   9.753   -7.434  1.00 0.66 ? 21 DA B C6     1 
ATOM   717 N N6     . DA B 2 10 ? 9.412   8.624   -7.754  1.00 0.79 ? 21 DA B N6     1 
ATOM   718 N N1     . DA B 2 10 ? 8.936   10.279  -6.206  1.00 0.61 ? 21 DA B N1     1 
ATOM   719 C C2     . DA B 2 10 ? 8.300   11.403  -5.867  1.00 0.66 ? 21 DA B C2     1 
ATOM   720 N N3     . DA B 2 10 ? 7.482   12.124  -6.629  1.00 0.78 ? 21 DA B N3     1 
ATOM   721 C C4     . DA B 2 10 ? 7.344   11.578  -7.853  1.00 0.76 ? 21 DA B C4     1 
ATOM   722 H "H5'"  . DA B 2 10 ? 1.953   12.677  -10.001 1.00 1.54 ? 21 DA B "H5'"  1 
ATOM   723 H "H5''" . DA B 2 10 ? 2.049   14.042  -11.135 1.00 1.74 ? 21 DA B "H5''" 1 
ATOM   724 H "H4'"  . DA B 2 10 ? 3.176   14.664  -9.073  1.00 1.59 ? 21 DA B "H4'"  1 
ATOM   725 H "H3'"  . DA B 2 10 ? 4.561   14.400  -11.627 1.00 1.57 ? 21 DA B "H3'"  1 
ATOM   726 H "H2'"  . DA B 2 10 ? 6.477   13.516  -10.893 1.00 1.28 ? 21 DA B "H2'"  1 
ATOM   727 H "H2''" . DA B 2 10 ? 6.713   14.949  -9.854  1.00 1.45 ? 21 DA B "H2''" 1 
ATOM   728 H "H1'"  . DA B 2 10 ? 5.960   13.868  -7.989  1.00 1.15 ? 21 DA B "H1'"  1 
ATOM   729 H H8     . DA B 2 10 ? 6.299   11.294  -10.851 1.00 0.92 ? 21 DA B H8     1 
ATOM   730 H H61    . DA B 2 10 ? 10.012  8.171   -7.080  1.00 0.85 ? 21 DA B H61    1 
ATOM   731 H H62    . DA B 2 10 ? 9.287   8.219   -8.671  1.00 0.87 ? 21 DA B H62    1 
ATOM   732 H H2     . DA B 2 10 ? 8.471   11.773  -4.856  1.00 0.69 ? 21 DA B H2     1 
ATOM   733 P P      . DT B 2 11 ? 5.721   17.070  -11.035 1.00 1.95 ? 22 DT B P      1 
ATOM   734 O OP1    . DT B 2 11 ? 5.126   18.420  -11.172 1.00 1.63 ? 22 DT B OP1    1 
ATOM   735 O OP2    . DT B 2 11 ? 6.320   16.407  -12.213 1.00 3.00 ? 22 DT B OP2    1 
ATOM   736 O "O5'"  . DT B 2 11 ? 6.824   17.118  -9.865  1.00 1.89 ? 22 DT B "O5'"  1 
ATOM   737 C "C5'"  . DT B 2 11 ? 6.458   17.503  -8.535  1.00 1.93 ? 22 DT B "C5'"  1 
ATOM   738 C "C4'"  . DT B 2 11 ? 7.604   17.284  -7.551  1.00 1.83 ? 22 DT B "C4'"  1 
ATOM   739 O "O4'"  . DT B 2 11 ? 7.901   15.876  -7.413  1.00 1.52 ? 22 DT B "O4'"  1 
ATOM   740 C "C3'"  . DT B 2 11 ? 8.874   17.989  -8.017  1.00 2.01 ? 22 DT B "C3'"  1 
ATOM   741 O "O3'"  . DT B 2 11 ? 9.251   19.023  -7.100  1.00 2.18 ? 22 DT B "O3'"  1 
ATOM   742 C "C2'"  . DT B 2 11 ? 9.935   16.916  -8.076  1.00 1.83 ? 22 DT B "C2'"  1 
ATOM   743 C "C1'"  . DT B 2 11 ? 9.327   15.682  -7.433  1.00 1.51 ? 22 DT B "C1'"  1 
ATOM   744 N N1     . DT B 2 11 ? 9.692   14.444  -8.165  1.00 1.36 ? 22 DT B N1     1 
ATOM   745 C C2     . DT B 2 11 ? 10.320  13.441  -7.445  1.00 1.18 ? 22 DT B C2     1 
ATOM   746 O O2     . DT B 2 11 ? 10.591  13.559  -6.252  1.00 1.11 ? 22 DT B O2     1 
ATOM   747 N N3     . DT B 2 11 ? 10.630  12.294  -8.148  1.00 1.14 ? 22 DT B N3     1 
ATOM   748 C C4     . DT B 2 11 ? 10.374  12.059  -9.485  1.00 1.23 ? 22 DT B C4     1 
ATOM   749 O O4     . DT B 2 11 ? 10.690  10.991  -10.002 1.00 1.26 ? 22 DT B O4     1 
ATOM   750 C C5     . DT B 2 11 ? 9.721   13.158  -10.158 1.00 1.35 ? 22 DT B C5     1 
ATOM   751 C C7     . DT B 2 11 ? 9.383   13.033  -11.643 1.00 1.47 ? 22 DT B C7     1 
ATOM   752 C C6     . DT B 2 11 ? 9.405   14.293  -9.497  1.00 1.43 ? 22 DT B C6     1 
ATOM   753 H "H5'"  . DT B 2 11 ? 5.599   16.911  -8.216  1.00 1.85 ? 22 DT B "H5'"  1 
ATOM   754 H "H5''" . DT B 2 11 ? 6.184   18.559  -8.534  1.00 2.16 ? 22 DT B "H5''" 1 
ATOM   755 H "H4'"  . DT B 2 11 ? 7.315   17.681  -6.578  1.00 1.88 ? 22 DT B "H4'"  1 
ATOM   756 H "H3'"  . DT B 2 11 ? 8.720   18.410  -9.014  1.00 2.15 ? 22 DT B "H3'"  1 
ATOM   757 H "HO3'" . DT B 2 11 ? 9.712   18.604  -6.371  1.00 2.51 ? 22 DT B "HO3'" 1 
ATOM   758 H "H2'"  . DT B 2 11 ? 10.194  16.711  -9.114  1.00 1.89 ? 22 DT B "H2'"  1 
ATOM   759 H "H2''" . DT B 2 11 ? 10.821  17.231  -7.524  1.00 1.90 ? 22 DT B "H2''" 1 
ATOM   760 H "H1'"  . DT B 2 11 ? 9.686   15.605  -6.405  1.00 1.44 ? 22 DT B "H1'"  1 
ATOM   761 H H3     . DT B 2 11 ? 11.104  11.562  -7.637  1.00 1.08 ? 22 DT B H3     1 
ATOM   762 H H71    . DT B 2 11 ? 9.110   14.011  -12.039 1.00 1.65 ? 22 DT B H71    1 
ATOM   763 H H72    . DT B 2 11 ? 8.549   12.343  -11.769 1.00 1.91 ? 22 DT B H72    1 
ATOM   764 H H73    . DT B 2 11 ? 10.253  12.653  -12.181 1.00 1.61 ? 22 DT B H73    1 
ATOM   765 H H6     . DT B 2 11 ? 8.924   15.107  -10.035 1.00 1.59 ? 22 DT B H6     1 
# 
